data_1Z2Z
#
_entry.id   1Z2Z
#
_cell.length_a   62.562
_cell.length_b   132.531
_cell.length_c   66.779
_cell.angle_alpha   90.00
_cell.angle_beta   116.98
_cell.angle_gamma   90.00
#
_symmetry.space_group_name_H-M   'P 1 21 1'
#
loop_
_entity.id
_entity.type
_entity.pdbx_description
1 polymer 'Probable tRNA pseudouridine synthase D'
2 water water
#
_entity_poly.entity_id   1
_entity_poly.type   'polypeptide(L)'
_entity_poly.pdbx_seq_one_letter_code
;(MSE)EVPEIEKQIGINLYSTDTTGLGGQLRQEIEDFIVKEITNREEGEEGKYLIVELTKRDWDTHHLTRTLSRILQVSQ
KRISVAGTKDKRALTTQKISIFDTDASEIEKIHLKDIELKVLGRSRKSVELGDLWGNDFRITVRNIENSPEETEALLKKT
TDEILAQGGVPNFFGIQRFGSVRPVTHLVGKAIVEGNFEKAALLYIAEPFPEEPEETKNARQFVKDTLDFKEGLKTYPLR
LGHERA(MSE)(MSE)NHLIANPEDYSGSFRVLPQNLYR(MSE)FVHGYQSYIYNIILCRRIEAGIPLNRAVEGDIVCFR
NEVGLPDSSKTEKVTSETVNA(MSE)NRLLKLGRAFITAPLPGYNTEFASGIPGEIENGVLKELGVSLEGFNIEKFPE
(MSE)SSKGTRREVLLEVKPKFEAGEDELNPGKSKAVLEF(MSE)LPKGSYATTVLREY(MSE)KVNPLQ(MSE)SLEHH
HHHH
;
_entity_poly.pdbx_strand_id   A,B
#
# COMPACT_ATOMS: atom_id res chain seq x y z
N GLU A 2 30.34 -4.85 31.90
CA GLU A 2 31.17 -3.72 31.48
C GLU A 2 30.56 -2.94 30.30
N VAL A 3 30.49 -1.62 30.45
CA VAL A 3 29.96 -0.72 29.42
C VAL A 3 30.95 0.41 29.09
N PRO A 4 31.13 0.68 27.79
CA PRO A 4 32.06 1.73 27.37
C PRO A 4 31.77 3.08 27.97
N GLU A 5 32.83 3.78 28.34
CA GLU A 5 32.73 5.10 28.92
C GLU A 5 31.91 6.00 27.99
N ILE A 6 32.11 5.82 26.69
CA ILE A 6 31.41 6.64 25.72
C ILE A 6 29.91 6.66 25.96
N GLU A 7 29.35 5.50 26.24
CA GLU A 7 27.92 5.39 26.50
C GLU A 7 27.55 5.81 27.94
N LYS A 8 28.47 5.72 28.88
CA LYS A 8 28.15 6.12 30.24
C LYS A 8 28.16 7.64 30.33
N GLN A 9 28.88 8.29 29.41
CA GLN A 9 28.98 9.75 29.40
C GLN A 9 27.73 10.41 28.85
N ILE A 10 26.77 9.59 28.45
CA ILE A 10 25.50 10.07 27.93
C ILE A 10 24.34 9.35 28.60
N GLY A 11 24.50 9.05 29.89
CA GLY A 11 23.43 8.42 30.65
C GLY A 11 23.28 6.92 30.66
N ILE A 12 23.46 6.28 29.51
CA ILE A 12 23.35 4.83 29.42
C ILE A 12 24.49 4.23 30.21
N ASN A 13 24.27 3.09 30.84
CA ASN A 13 25.32 2.45 31.62
C ASN A 13 25.02 0.98 31.91
N LEU A 14 24.21 0.36 31.06
CA LEU A 14 23.88 -1.04 31.28
C LEU A 14 23.17 -1.63 30.09
N TYR A 15 22.45 -2.72 30.35
CA TYR A 15 21.72 -3.45 29.31
C TYR A 15 20.47 -4.11 29.90
N SER A 16 19.33 -3.93 29.25
CA SER A 16 18.08 -4.53 29.74
C SER A 16 18.23 -6.06 29.76
N THR A 17 19.15 -6.57 28.95
CA THR A 17 19.39 -8.00 28.89
C THR A 17 20.67 -8.34 29.64
N ASP A 18 20.69 -9.49 30.31
CA ASP A 18 21.87 -9.91 31.07
C ASP A 18 22.72 -10.92 30.28
N THR A 19 22.43 -11.06 29.00
CA THR A 19 23.17 -11.97 28.14
C THR A 19 24.56 -11.41 27.88
N THR A 20 25.46 -12.28 27.41
CA THR A 20 26.82 -11.86 27.15
C THR A 20 26.94 -11.15 25.81
N GLY A 21 27.85 -10.18 25.77
CA GLY A 21 28.08 -9.40 24.57
C GLY A 21 28.57 -10.25 23.42
N LEU A 22 27.67 -10.46 22.47
CA LEU A 22 27.93 -11.24 21.28
C LEU A 22 29.21 -10.77 20.59
N GLY A 23 29.52 -9.48 20.74
CA GLY A 23 30.71 -8.93 20.12
C GLY A 23 30.65 -9.01 18.62
N GLY A 24 31.83 -9.03 17.97
CA GLY A 24 31.85 -9.11 16.52
C GLY A 24 31.92 -7.75 15.85
N GLN A 25 31.72 -7.72 14.53
CA GLN A 25 31.78 -6.48 13.77
C GLN A 25 30.67 -6.38 12.73
N LEU A 26 30.43 -5.17 12.24
CA LEU A 26 29.39 -4.95 11.26
C LEU A 26 29.85 -4.22 9.99
N ARG A 27 29.02 -4.25 8.96
CA ARG A 27 29.36 -3.58 7.71
C ARG A 27 30.65 -4.14 7.13
N GLN A 28 30.93 -5.42 7.35
CA GLN A 28 32.14 -5.99 6.82
C GLN A 28 31.96 -6.10 5.31
N GLU A 29 30.74 -6.37 4.90
CA GLU A 29 30.39 -6.49 3.49
C GLU A 29 29.09 -5.76 3.21
N ILE A 30 29.12 -4.89 2.19
CA ILE A 30 27.94 -4.11 1.84
C ILE A 30 26.66 -4.90 2.13
N GLU A 31 26.52 -6.10 1.59
CA GLU A 31 25.30 -6.86 1.85
C GLU A 31 25.08 -7.25 3.33
N ASP A 32 26.01 -6.92 4.22
CA ASP A 32 25.84 -7.28 5.64
C ASP A 32 24.89 -6.34 6.38
N PHE A 33 24.35 -5.37 5.65
CA PHE A 33 23.42 -4.41 6.23
C PHE A 33 22.34 -4.09 5.23
N ILE A 34 21.28 -4.89 5.21
CA ILE A 34 20.21 -4.64 4.27
C ILE A 34 19.06 -3.91 4.92
N VAL A 35 18.67 -2.79 4.31
CA VAL A 35 17.59 -1.97 4.83
C VAL A 35 16.55 -1.74 3.76
N LYS A 36 15.37 -2.33 3.91
CA LYS A 36 14.30 -2.18 2.93
C LYS A 36 13.15 -1.38 3.52
N GLU A 37 12.84 -0.22 2.94
CA GLU A 37 11.79 0.66 3.41
C GLU A 37 10.36 0.12 3.27
N ILE A 38 9.48 0.49 4.20
CA ILE A 38 8.08 0.06 4.13
C ILE A 38 7.29 1.33 3.91
N THR A 39 6.61 1.42 2.78
CA THR A 39 5.86 2.62 2.44
C THR A 39 4.52 2.78 3.14
N ASN A 40 4.05 4.01 3.27
CA ASN A 40 2.72 4.24 3.85
C ASN A 40 1.85 4.93 2.82
N ARG A 41 2.40 5.20 1.64
CA ARG A 41 1.60 5.87 0.62
C ARG A 41 1.38 5.03 -0.65
N GLU A 42 0.38 5.42 -1.42
CA GLU A 42 0.05 4.75 -2.66
C GLU A 42 0.12 5.75 -3.83
N GLU A 43 0.46 5.27 -5.03
CA GLU A 43 0.56 6.14 -6.21
C GLU A 43 -0.43 5.69 -7.27
N GLY A 44 -0.63 6.54 -8.26
CA GLY A 44 -1.55 6.20 -9.31
C GLY A 44 -0.88 6.09 -10.65
N GLU A 45 -1.57 6.54 -11.69
CA GLU A 45 -1.05 6.51 -13.04
C GLU A 45 -0.91 7.92 -13.61
N GLU A 46 -1.31 8.92 -12.82
CA GLU A 46 -1.23 10.32 -13.25
C GLU A 46 -0.52 11.21 -12.25
N GLY A 47 -0.13 12.40 -12.67
CA GLY A 47 0.58 13.32 -11.80
C GLY A 47 1.89 13.76 -12.42
N LYS A 48 2.40 14.93 -12.04
CA LYS A 48 3.65 15.42 -12.61
C LYS A 48 4.87 14.92 -11.85
N TYR A 49 4.67 13.90 -11.03
CA TYR A 49 5.76 13.31 -10.25
C TYR A 49 5.88 11.81 -10.55
N LEU A 50 7.08 11.40 -10.95
CA LEU A 50 7.34 10.01 -11.28
C LEU A 50 7.87 9.34 -10.03
N ILE A 51 7.24 8.24 -9.63
CA ILE A 51 7.67 7.55 -8.41
C ILE A 51 8.44 6.27 -8.68
N VAL A 52 9.67 6.26 -8.21
CA VAL A 52 10.59 5.15 -8.43
C VAL A 52 11.14 4.50 -7.17
N GLU A 53 11.35 3.19 -7.26
CA GLU A 53 11.94 2.44 -6.16
C GLU A 53 13.44 2.48 -6.40
N LEU A 54 14.16 3.07 -5.47
CA LEU A 54 15.59 3.20 -5.55
C LEU A 54 16.30 2.12 -4.76
N THR A 55 17.22 1.41 -5.41
CA THR A 55 17.99 0.36 -4.75
C THR A 55 19.41 0.76 -4.97
N LYS A 56 20.14 0.98 -3.89
CA LYS A 56 21.51 1.42 -4.02
C LYS A 56 22.48 0.58 -3.19
N ARG A 57 23.69 0.47 -3.69
CA ARG A 57 24.69 -0.33 -3.01
C ARG A 57 25.90 0.54 -2.72
N ASP A 58 26.15 0.75 -1.45
CA ASP A 58 27.30 1.55 -1.04
C ASP A 58 27.31 2.96 -1.66
N TRP A 59 26.13 3.56 -1.77
CA TRP A 59 25.99 4.90 -2.32
C TRP A 59 25.50 5.88 -1.26
N ASP A 60 25.90 7.13 -1.40
CA ASP A 60 25.49 8.20 -0.51
C ASP A 60 24.36 8.92 -1.21
N THR A 61 23.19 8.98 -0.57
CA THR A 61 22.02 9.63 -1.14
C THR A 61 22.27 11.01 -1.74
N HIS A 62 22.99 11.87 -1.02
CA HIS A 62 23.23 13.17 -1.59
C HIS A 62 23.95 13.00 -2.91
N HIS A 63 24.98 12.16 -2.92
CA HIS A 63 25.75 11.93 -4.13
C HIS A 63 24.90 11.39 -5.29
N LEU A 64 24.02 10.43 -5.01
CA LEU A 64 23.15 9.85 -6.03
C LEU A 64 22.20 10.86 -6.65
N THR A 65 21.49 11.57 -5.79
CA THR A 65 20.54 12.58 -6.25
C THR A 65 21.30 13.65 -7.02
N ARG A 66 22.51 13.96 -6.59
CA ARG A 66 23.27 14.97 -7.31
C ARG A 66 23.66 14.42 -8.70
N THR A 67 23.77 13.09 -8.80
CA THR A 67 24.10 12.44 -10.06
C THR A 67 22.85 12.40 -10.94
N LEU A 68 21.73 11.97 -10.39
CA LEU A 68 20.53 11.96 -11.20
C LEU A 68 20.15 13.35 -11.62
N SER A 69 20.34 14.33 -10.74
CA SER A 69 19.96 15.69 -11.14
C SER A 69 20.80 16.17 -12.32
N ARG A 70 22.03 15.69 -12.45
CA ARG A 70 22.87 16.10 -13.56
C ARG A 70 22.43 15.45 -14.87
N ILE A 71 22.02 14.20 -14.79
CA ILE A 71 21.56 13.42 -15.93
C ILE A 71 20.21 13.89 -16.45
N LEU A 72 19.35 14.35 -15.55
CA LEU A 72 18.04 14.82 -15.94
C LEU A 72 18.01 16.35 -16.01
N GLN A 73 19.13 17.01 -15.71
CA GLN A 73 19.20 18.47 -15.75
C GLN A 73 18.00 19.12 -15.06
N VAL A 74 17.90 18.91 -13.76
CA VAL A 74 16.85 19.47 -12.92
C VAL A 74 17.55 19.77 -11.60
N SER A 75 16.91 20.56 -10.76
CA SER A 75 17.53 20.90 -9.48
C SER A 75 17.48 19.68 -8.55
N GLN A 76 18.34 19.67 -7.55
CA GLN A 76 18.36 18.55 -6.62
C GLN A 76 17.04 18.36 -5.89
N LYS A 77 16.32 19.46 -5.67
CA LYS A 77 15.02 19.45 -4.99
C LYS A 77 14.01 18.56 -5.71
N ARG A 78 14.07 18.52 -7.03
CA ARG A 78 13.10 17.73 -7.81
C ARG A 78 13.19 16.26 -7.51
N ILE A 79 14.23 15.86 -6.80
CA ILE A 79 14.34 14.45 -6.45
C ILE A 79 14.37 14.34 -4.91
N SER A 80 13.31 13.79 -4.32
CA SER A 80 13.28 13.66 -2.86
C SER A 80 13.01 12.28 -2.32
N VAL A 81 13.52 12.08 -1.11
CA VAL A 81 13.40 10.82 -0.42
C VAL A 81 12.49 10.95 0.81
N ALA A 82 11.99 9.82 1.27
CA ALA A 82 11.13 9.78 2.46
C ALA A 82 12.03 9.76 3.69
N GLY A 83 13.20 9.14 3.54
CA GLY A 83 14.17 9.05 4.62
C GLY A 83 15.55 8.63 4.11
N THR A 84 16.61 9.25 4.60
CA THR A 84 17.93 8.88 4.12
C THR A 84 18.52 7.56 4.64
N LYS A 85 18.68 6.58 3.73
CA LYS A 85 19.23 5.29 4.10
C LYS A 85 20.76 5.33 4.12
N ASP A 86 21.34 4.44 4.90
CA ASP A 86 22.80 4.32 5.07
C ASP A 86 23.54 4.07 3.75
N LYS A 87 24.65 4.79 3.58
CA LYS A 87 25.51 4.68 2.43
C LYS A 87 26.11 3.26 2.41
N ARG A 88 26.94 2.93 3.39
CA ARG A 88 27.54 1.60 3.44
C ARG A 88 26.52 0.51 3.69
N ALA A 89 25.70 0.20 2.69
CA ALA A 89 24.68 -0.84 2.87
C ALA A 89 23.89 -1.07 1.60
N LEU A 90 23.10 -2.12 1.58
CA LEU A 90 22.27 -2.37 0.42
C LEU A 90 20.87 -1.94 0.84
N THR A 91 20.43 -0.83 0.27
CA THR A 91 19.15 -0.26 0.63
C THR A 91 18.18 0.03 -0.50
N THR A 92 16.91 -0.26 -0.23
CA THR A 92 15.79 -0.07 -1.15
C THR A 92 14.84 0.98 -0.53
N GLN A 93 14.31 1.90 -1.32
CA GLN A 93 13.39 2.92 -0.81
C GLN A 93 12.60 3.56 -1.94
N LYS A 94 11.55 4.30 -1.58
CA LYS A 94 10.73 4.96 -2.60
C LYS A 94 11.19 6.42 -2.73
N ILE A 95 11.21 6.93 -3.96
CA ILE A 95 11.61 8.31 -4.19
C ILE A 95 10.69 8.93 -5.23
N SER A 96 10.78 10.23 -5.40
CA SER A 96 9.96 10.88 -6.41
C SER A 96 10.85 11.76 -7.27
N ILE A 97 10.48 11.85 -8.54
CA ILE A 97 11.24 12.65 -9.50
C ILE A 97 10.26 13.50 -10.28
N PHE A 98 10.48 14.80 -10.23
CA PHE A 98 9.60 15.74 -10.90
C PHE A 98 9.76 15.78 -12.42
N ASP A 99 8.62 15.77 -13.07
CA ASP A 99 8.58 15.88 -14.51
C ASP A 99 9.53 14.94 -15.24
N THR A 100 9.35 13.65 -15.01
CA THR A 100 10.17 12.65 -15.67
C THR A 100 9.28 11.49 -16.02
N ASP A 101 9.48 10.96 -17.23
CA ASP A 101 8.68 9.82 -17.69
C ASP A 101 9.36 8.51 -17.36
N ALA A 102 8.57 7.45 -17.34
CA ALA A 102 9.05 6.11 -17.04
C ALA A 102 10.18 5.65 -17.96
N SER A 103 9.98 5.85 -19.25
CA SER A 103 10.96 5.46 -20.28
C SER A 103 12.36 6.06 -20.11
N GLU A 104 12.42 7.27 -19.54
CA GLU A 104 13.69 7.94 -19.33
C GLU A 104 14.54 7.26 -18.30
N ILE A 105 13.89 6.73 -17.27
CA ILE A 105 14.63 6.08 -16.20
C ILE A 105 14.95 4.63 -16.52
N GLU A 106 14.40 4.15 -17.63
CA GLU A 106 14.64 2.78 -18.04
C GLU A 106 15.95 2.70 -18.83
N LYS A 107 16.49 3.88 -19.17
CA LYS A 107 17.72 4.02 -19.94
C LYS A 107 18.92 4.45 -19.09
N ILE A 108 18.68 4.69 -17.80
CA ILE A 108 19.71 5.09 -16.86
C ILE A 108 20.23 3.81 -16.21
N HIS A 109 21.53 3.58 -16.34
CA HIS A 109 22.14 2.39 -15.78
C HIS A 109 23.40 2.81 -15.03
N LEU A 110 23.23 3.11 -13.74
CA LEU A 110 24.36 3.51 -12.92
C LEU A 110 24.92 2.28 -12.22
N LYS A 111 26.18 2.33 -11.82
CA LYS A 111 26.78 1.20 -11.17
C LYS A 111 26.33 1.08 -9.71
N ASP A 112 25.77 -0.08 -9.39
CA ASP A 112 25.29 -0.37 -8.05
C ASP A 112 24.04 0.45 -7.72
N ILE A 113 23.21 0.63 -8.73
CA ILE A 113 21.98 1.38 -8.57
C ILE A 113 20.98 0.70 -9.45
N GLU A 114 19.77 0.55 -8.92
CA GLU A 114 18.71 -0.09 -9.66
C GLU A 114 17.53 0.84 -9.53
N LEU A 115 16.89 1.15 -10.66
CA LEU A 115 15.74 2.04 -10.68
C LEU A 115 14.52 1.32 -11.23
N LYS A 116 13.42 1.35 -10.49
CA LYS A 116 12.19 0.67 -10.93
C LYS A 116 10.98 1.58 -10.72
N VAL A 117 10.24 1.83 -11.78
CA VAL A 117 9.08 2.70 -11.67
C VAL A 117 8.01 2.07 -10.78
N LEU A 118 7.34 2.90 -9.99
CA LEU A 118 6.26 2.42 -9.14
C LEU A 118 4.99 3.08 -9.69
N GLY A 119 5.08 4.31 -10.17
CA GLY A 119 3.89 4.94 -10.73
C GLY A 119 4.03 6.44 -10.74
N ARG A 120 2.91 7.16 -10.67
CA ARG A 120 2.99 8.62 -10.66
C ARG A 120 2.08 9.20 -9.59
N SER A 121 2.24 10.47 -9.30
CA SER A 121 1.43 11.15 -8.29
C SER A 121 1.56 12.66 -8.38
N ARG A 122 0.50 13.35 -8.01
CA ARG A 122 0.50 14.81 -8.03
C ARG A 122 1.31 15.30 -6.86
N LYS A 123 1.62 14.38 -5.93
CA LYS A 123 2.39 14.75 -4.74
C LYS A 123 3.79 14.15 -4.72
N SER A 124 4.74 14.97 -4.32
CA SER A 124 6.12 14.56 -4.22
C SER A 124 6.25 13.73 -2.97
N VAL A 125 7.39 13.06 -2.84
CA VAL A 125 7.68 12.22 -1.70
C VAL A 125 8.41 13.02 -0.62
N GLU A 126 7.70 13.41 0.44
CA GLU A 126 8.34 14.21 1.48
C GLU A 126 8.93 13.40 2.65
N LEU A 127 9.88 14.00 3.35
CA LEU A 127 10.46 13.33 4.50
C LEU A 127 9.34 12.88 5.40
N GLY A 128 9.27 11.60 5.71
CA GLY A 128 8.21 11.15 6.57
C GLY A 128 7.22 10.26 5.86
N ASP A 129 7.16 10.31 4.53
CA ASP A 129 6.20 9.47 3.83
C ASP A 129 6.52 7.98 3.86
N LEU A 130 6.89 7.41 5.00
CA LEU A 130 7.13 5.97 5.03
C LEU A 130 6.71 5.48 6.41
N TRP A 131 6.32 4.22 6.51
CA TRP A 131 5.91 3.68 7.77
C TRP A 131 7.18 3.36 8.54
N GLY A 132 7.79 2.22 8.20
CA GLY A 132 9.01 1.82 8.87
C GLY A 132 10.12 1.39 7.93
N ASN A 133 11.04 0.60 8.48
CA ASN A 133 12.20 0.08 7.74
C ASN A 133 12.53 -1.36 8.16
N ASP A 134 12.48 -2.29 7.21
CA ASP A 134 12.83 -3.68 7.48
C ASP A 134 14.34 -3.76 7.49
N PHE A 135 14.88 -4.46 8.47
CA PHE A 135 16.32 -4.62 8.59
C PHE A 135 16.73 -6.07 8.46
N ARG A 136 17.98 -6.26 8.05
CA ARG A 136 18.59 -7.57 7.86
C ARG A 136 20.08 -7.30 8.10
N ILE A 137 20.48 -7.23 9.37
CA ILE A 137 21.87 -6.96 9.70
C ILE A 137 22.63 -8.26 9.94
N THR A 138 23.94 -8.23 9.73
CA THR A 138 24.78 -9.40 9.90
C THR A 138 26.02 -9.05 10.72
N VAL A 139 26.17 -9.70 11.87
CA VAL A 139 27.33 -9.47 12.72
C VAL A 139 28.29 -10.59 12.36
N ARG A 140 29.57 -10.26 12.19
CA ARG A 140 30.61 -11.23 11.82
C ARG A 140 31.84 -11.16 12.74
N ASN A 141 32.60 -12.24 12.80
CA ASN A 141 33.83 -12.32 13.60
C ASN A 141 33.61 -12.41 15.12
N ILE A 142 32.68 -13.27 15.51
CA ILE A 142 32.38 -13.45 16.91
C ILE A 142 33.23 -14.58 17.48
N GLU A 143 33.81 -14.32 18.65
CA GLU A 143 34.66 -15.25 19.36
C GLU A 143 33.89 -16.49 19.85
N ASN A 144 32.83 -16.88 19.15
CA ASN A 144 32.04 -18.06 19.55
C ASN A 144 31.76 -18.96 18.36
N SER A 145 31.16 -20.12 18.65
CA SER A 145 30.83 -21.10 17.63
C SER A 145 29.38 -20.94 17.19
N PRO A 146 29.02 -21.52 16.03
CA PRO A 146 27.64 -21.42 15.55
C PRO A 146 26.65 -21.92 16.59
N GLU A 147 27.03 -22.96 17.33
CA GLU A 147 26.15 -23.52 18.35
C GLU A 147 26.05 -22.60 19.56
N GLU A 148 27.19 -22.17 20.09
CA GLU A 148 27.19 -21.28 21.24
C GLU A 148 26.64 -19.87 20.96
N THR A 149 26.58 -19.50 19.69
CA THR A 149 26.07 -18.19 19.29
C THR A 149 24.56 -18.22 19.07
N GLU A 150 24.05 -19.28 18.44
CA GLU A 150 22.61 -19.40 18.20
C GLU A 150 21.88 -19.42 19.52
N ALA A 151 22.45 -20.15 20.48
CA ALA A 151 21.87 -20.27 21.81
C ALA A 151 22.02 -18.92 22.52
N LEU A 152 23.12 -18.23 22.25
CA LEU A 152 23.36 -16.93 22.87
C LEU A 152 22.32 -15.95 22.32
N LEU A 153 21.94 -16.15 21.07
CA LEU A 153 20.96 -15.30 20.41
C LEU A 153 19.54 -15.53 20.94
N LYS A 154 19.19 -16.80 21.11
CA LYS A 154 17.86 -17.17 21.59
C LYS A 154 17.59 -16.61 22.98
N LYS A 155 18.62 -16.59 23.82
CA LYS A 155 18.47 -16.07 25.17
C LYS A 155 18.30 -14.56 25.12
N THR A 156 19.17 -13.88 24.38
CA THR A 156 19.08 -12.42 24.27
C THR A 156 17.73 -12.02 23.71
N THR A 157 17.22 -12.83 22.78
CA THR A 157 15.93 -12.62 22.13
C THR A 157 14.81 -12.79 23.16
N ASP A 158 14.76 -13.98 23.77
CA ASP A 158 13.76 -14.31 24.79
C ASP A 158 13.54 -13.16 25.77
N GLU A 159 14.61 -12.71 26.42
CA GLU A 159 14.47 -11.64 27.39
C GLU A 159 13.84 -10.45 26.71
N ILE A 160 14.26 -10.20 25.47
CA ILE A 160 13.74 -9.08 24.72
C ILE A 160 12.24 -9.24 24.46
N LEU A 161 11.89 -10.37 23.88
CA LEU A 161 10.50 -10.65 23.57
C LEU A 161 9.65 -10.50 24.83
N ALA A 162 10.21 -10.91 25.97
CA ALA A 162 9.53 -10.85 27.25
C ALA A 162 9.41 -9.43 27.81
N GLN A 163 10.51 -8.70 27.77
CA GLN A 163 10.54 -7.33 28.28
C GLN A 163 9.74 -6.41 27.37
N GLY A 164 9.34 -6.92 26.22
CA GLY A 164 8.58 -6.13 25.27
C GLY A 164 9.40 -5.62 24.09
N GLY A 165 10.71 -5.61 24.25
CA GLY A 165 11.60 -5.15 23.21
C GLY A 165 12.91 -4.69 23.80
N VAL A 166 13.44 -3.57 23.29
CA VAL A 166 14.70 -3.04 23.80
C VAL A 166 14.44 -1.63 24.35
N PRO A 167 15.23 -1.19 25.33
CA PRO A 167 15.02 0.14 25.91
C PRO A 167 15.09 1.24 24.87
N ASN A 168 14.28 2.27 25.08
CA ASN A 168 14.26 3.38 24.14
C ASN A 168 15.34 4.42 24.46
N PHE A 169 16.57 3.96 24.62
CA PHE A 169 17.71 4.84 24.94
C PHE A 169 18.04 5.83 23.82
N PHE A 170 18.65 6.96 24.20
CA PHE A 170 19.05 7.97 23.23
C PHE A 170 20.50 7.67 22.80
N GLY A 171 20.63 7.13 21.58
CA GLY A 171 21.92 6.77 21.03
C GLY A 171 23.03 7.81 21.11
N ILE A 172 24.27 7.34 21.13
CA ILE A 172 25.43 8.22 21.21
C ILE A 172 25.51 9.17 20.02
N GLN A 173 24.84 8.85 18.92
CA GLN A 173 24.85 9.72 17.74
C GLN A 173 23.85 10.86 17.85
N ARG A 174 22.84 10.68 18.70
CA ARG A 174 21.80 11.68 18.93
C ARG A 174 22.33 12.90 19.68
N PHE A 175 23.45 12.73 20.37
CA PHE A 175 24.03 13.83 21.14
C PHE A 175 25.04 14.65 20.35
N GLY A 176 25.09 14.40 19.05
CA GLY A 176 26.02 15.11 18.20
C GLY A 176 26.34 14.38 16.92
N SER A 177 26.45 15.14 15.84
CA SER A 177 26.76 14.60 14.52
C SER A 177 28.02 13.74 14.58
N VAL A 178 29.17 14.40 14.64
CA VAL A 178 30.47 13.71 14.69
C VAL A 178 31.06 13.88 16.09
N ARG A 179 30.55 14.87 16.79
CA ARG A 179 31.01 15.16 18.14
C ARG A 179 29.81 15.30 19.05
N PRO A 180 29.62 14.33 19.96
CA PRO A 180 28.49 14.35 20.90
C PRO A 180 28.71 15.33 22.04
N VAL A 181 28.37 16.59 21.81
CA VAL A 181 28.55 17.63 22.83
C VAL A 181 27.25 18.34 23.19
N THR A 182 26.18 18.05 22.46
CA THR A 182 24.92 18.70 22.74
C THR A 182 24.61 18.69 24.24
N HIS A 183 24.38 17.50 24.79
CA HIS A 183 24.09 17.32 26.21
C HIS A 183 25.10 18.03 27.09
N LEU A 184 26.33 18.10 26.62
CA LEU A 184 27.38 18.76 27.39
C LEU A 184 27.16 20.26 27.39
N VAL A 185 26.53 20.77 26.33
CA VAL A 185 26.27 22.19 26.22
C VAL A 185 24.98 22.56 26.95
N GLY A 186 23.98 21.68 26.80
CA GLY A 186 22.70 21.92 27.44
C GLY A 186 22.82 21.90 28.95
N LYS A 187 23.86 21.24 29.46
CA LYS A 187 24.06 21.15 30.88
C LYS A 187 24.64 22.44 31.44
N ALA A 188 25.51 23.09 30.67
CA ALA A 188 26.12 24.33 31.12
C ALA A 188 25.11 25.47 31.12
N ILE A 189 24.27 25.53 30.09
CA ILE A 189 23.28 26.59 30.00
C ILE A 189 22.34 26.54 31.22
N VAL A 190 21.76 25.36 31.48
CA VAL A 190 20.86 25.17 32.63
C VAL A 190 21.49 25.69 33.93
N GLU A 191 22.73 25.28 34.18
CA GLU A 191 23.46 25.68 35.38
C GLU A 191 23.72 27.18 35.38
N GLY A 192 23.61 27.79 34.20
CA GLY A 192 23.82 29.22 34.07
C GLY A 192 25.11 29.58 33.36
N ASN A 193 26.04 28.63 33.28
CA ASN A 193 27.31 28.89 32.62
C ASN A 193 27.18 29.02 31.11
N PHE A 194 27.58 30.16 30.57
CA PHE A 194 27.54 30.34 29.13
C PHE A 194 28.95 30.40 28.57
N GLU A 195 29.91 30.55 29.47
CA GLU A 195 31.32 30.60 29.13
C GLU A 195 31.77 29.21 28.70
N LYS A 196 31.16 28.19 29.32
CA LYS A 196 31.48 26.80 29.02
C LYS A 196 30.58 26.24 27.92
N ALA A 197 29.30 26.56 27.97
CA ALA A 197 28.35 26.07 26.96
C ALA A 197 28.75 26.53 25.56
N ALA A 198 29.29 27.75 25.48
CA ALA A 198 29.71 28.29 24.19
C ALA A 198 31.04 27.69 23.78
N LEU A 199 31.96 27.56 24.73
CA LEU A 199 33.27 26.99 24.43
C LEU A 199 33.20 25.51 24.07
N LEU A 200 32.32 24.76 24.74
CA LEU A 200 32.17 23.35 24.47
C LEU A 200 31.73 23.08 23.04
N TYR A 201 31.11 24.08 22.42
CA TYR A 201 30.61 23.95 21.04
C TYR A 201 31.61 24.56 20.06
N ILE A 202 32.12 25.73 20.42
CA ILE A 202 33.09 26.41 19.56
C ILE A 202 34.36 25.58 19.46
N ALA A 203 34.90 25.18 20.61
CA ALA A 203 36.11 24.38 20.72
C ALA A 203 35.78 22.95 21.16
N GLU A 204 36.60 22.38 22.04
CA GLU A 204 36.36 21.02 22.54
C GLU A 204 36.49 19.96 21.46
N PRO A 205 37.73 19.49 21.21
CA PRO A 205 38.02 18.47 20.21
C PRO A 205 37.66 17.04 20.63
N PHE A 206 37.35 16.20 19.65
CA PHE A 206 37.02 14.80 19.92
C PHE A 206 37.90 13.85 19.12
N PRO A 207 38.18 12.66 19.67
CA PRO A 207 39.00 11.65 19.00
C PRO A 207 38.45 11.14 17.68
N GLU A 208 37.27 11.62 17.30
CA GLU A 208 36.64 11.20 16.05
C GLU A 208 37.06 12.12 14.90
N GLU A 209 37.30 13.38 15.23
CA GLU A 209 37.67 14.38 14.23
C GLU A 209 39.12 14.21 13.81
N PRO A 210 39.47 14.75 12.63
CA PRO A 210 40.85 14.67 12.13
C PRO A 210 41.77 15.47 13.04
N GLU A 211 42.98 14.95 13.28
CA GLU A 211 43.92 15.62 14.15
C GLU A 211 44.20 17.06 13.72
N GLU A 212 43.69 17.43 12.55
CA GLU A 212 43.89 18.79 12.05
C GLU A 212 42.85 19.73 12.66
N THR A 213 41.58 19.45 12.39
CA THR A 213 40.50 20.27 12.95
C THR A 213 40.53 20.01 14.46
N LYS A 214 40.89 18.80 14.84
CA LYS A 214 40.97 18.44 16.25
C LYS A 214 41.95 19.39 16.94
N ASN A 215 42.94 19.87 16.19
CA ASN A 215 43.92 20.80 16.75
C ASN A 215 43.52 22.25 16.60
N ALA A 216 42.46 22.49 15.82
CA ALA A 216 41.98 23.85 15.62
C ALA A 216 41.15 24.25 16.85
N ARG A 217 40.30 23.34 17.31
CA ARG A 217 39.44 23.55 18.48
C ARG A 217 40.29 23.60 19.73
N GLN A 218 41.23 22.66 19.81
CA GLN A 218 42.13 22.58 20.94
C GLN A 218 42.86 23.90 21.11
N PHE A 219 43.18 24.55 20.00
CA PHE A 219 43.89 25.82 20.05
C PHE A 219 43.11 26.88 20.79
N VAL A 220 41.96 27.25 20.26
CA VAL A 220 41.16 28.29 20.89
C VAL A 220 40.55 27.87 22.22
N LYS A 221 40.66 26.58 22.53
CA LYS A 221 40.11 26.04 23.78
C LYS A 221 40.98 26.41 24.98
N ASP A 222 42.24 26.74 24.73
CA ASP A 222 43.15 27.12 25.81
C ASP A 222 43.74 28.52 25.60
N THR A 223 43.31 29.19 24.54
CA THR A 223 43.79 30.54 24.22
C THR A 223 42.62 31.48 24.01
N LEU A 224 41.48 30.92 23.66
CA LEU A 224 40.27 31.69 23.40
C LEU A 224 40.47 32.75 22.32
N ASP A 225 41.48 32.53 21.48
CA ASP A 225 41.80 33.44 20.38
C ASP A 225 40.88 33.12 19.20
N PHE A 226 39.65 33.64 19.24
CA PHE A 226 38.65 33.40 18.19
C PHE A 226 39.05 34.00 16.85
N LYS A 227 39.96 34.97 16.89
CA LYS A 227 40.45 35.63 15.69
C LYS A 227 41.20 34.60 14.85
N GLU A 228 42.02 33.80 15.52
CA GLU A 228 42.79 32.76 14.85
C GLU A 228 41.85 31.64 14.43
N GLY A 229 40.92 31.30 15.32
CA GLY A 229 39.95 30.26 15.04
C GLY A 229 39.18 30.50 13.76
N LEU A 230 38.85 31.76 13.49
CA LEU A 230 38.13 32.12 12.28
C LEU A 230 39.10 32.07 11.10
N LYS A 231 40.35 31.74 11.39
CA LYS A 231 41.40 31.66 10.38
C LYS A 231 41.83 30.20 10.13
N THR A 232 41.64 29.36 11.15
CA THR A 232 42.02 27.95 11.07
C THR A 232 40.82 27.00 10.82
N TYR A 233 39.68 27.30 11.42
CA TYR A 233 38.48 26.48 11.27
C TYR A 233 38.00 26.37 9.82
N PRO A 234 37.87 25.13 9.32
CA PRO A 234 37.42 24.92 7.95
C PRO A 234 35.99 25.43 7.78
N LEU A 235 35.72 25.97 6.60
CA LEU A 235 34.40 26.53 6.25
C LEU A 235 33.29 25.53 6.50
N ARG A 236 33.67 24.26 6.58
CA ARG A 236 32.73 23.18 6.83
C ARG A 236 31.90 23.45 8.09
N LEU A 237 32.54 24.09 9.09
CA LEU A 237 31.89 24.42 10.37
C LEU A 237 31.35 25.84 10.39
N GLY A 238 30.21 26.04 9.72
CA GLY A 238 29.61 27.36 9.68
C GLY A 238 29.12 27.85 11.03
N HIS A 239 28.46 26.99 11.79
CA HIS A 239 27.94 27.35 13.11
C HIS A 239 29.03 27.81 14.08
N GLU A 240 30.14 27.09 14.13
CA GLU A 240 31.23 27.47 15.02
C GLU A 240 31.81 28.81 14.59
N ARG A 241 32.00 28.98 13.28
CA ARG A 241 32.56 30.22 12.77
C ARG A 241 31.65 31.41 13.09
N ALA A 242 30.36 31.26 12.79
CA ALA A 242 29.40 32.32 13.04
C ALA A 242 29.46 32.82 14.48
N ASN A 245 32.70 34.92 15.37
CA ASN A 245 32.62 36.28 14.87
C ASN A 245 31.90 37.20 15.86
N HIS A 246 30.78 36.71 16.40
CA HIS A 246 29.96 37.45 17.37
C HIS A 246 30.77 37.74 18.61
N LEU A 247 31.83 36.98 18.80
CA LEU A 247 32.69 37.14 19.95
C LEU A 247 33.89 38.04 19.68
N ILE A 248 34.05 38.48 18.43
CA ILE A 248 35.17 39.36 18.09
C ILE A 248 34.78 40.82 18.32
N ALA A 249 33.52 41.14 18.06
CA ALA A 249 32.99 42.49 18.23
C ALA A 249 32.35 42.62 19.60
N ASN A 250 31.75 41.52 20.05
CA ASN A 250 31.09 41.49 21.34
C ASN A 250 31.80 40.53 22.30
N PRO A 251 32.93 40.98 22.90
CA PRO A 251 33.71 40.16 23.83
C PRO A 251 32.98 39.75 25.10
N GLU A 252 33.18 38.49 25.49
CA GLU A 252 32.55 37.93 26.69
C GLU A 252 31.04 37.85 26.55
N ASP A 253 30.54 37.94 25.32
CA ASP A 253 29.10 37.89 25.08
C ASP A 253 28.66 36.48 24.71
N TYR A 254 29.17 35.50 25.46
CA TYR A 254 28.84 34.10 25.24
C TYR A 254 27.33 33.90 25.34
N SER A 255 26.67 34.74 26.15
CA SER A 255 25.23 34.62 26.32
C SER A 255 24.50 34.72 24.98
N GLY A 256 24.83 35.75 24.21
CA GLY A 256 24.19 35.95 22.92
C GLY A 256 24.93 35.31 21.75
N SER A 257 25.97 34.55 22.04
CA SER A 257 26.72 33.90 20.98
C SER A 257 25.88 32.81 20.32
N PHE A 258 24.72 32.50 20.91
CA PHE A 258 23.84 31.47 20.37
C PHE A 258 22.80 32.03 19.43
N ARG A 259 22.66 33.36 19.43
CA ARG A 259 21.67 34.04 18.60
C ARG A 259 22.15 34.17 17.15
N VAL A 260 23.17 33.40 16.79
CA VAL A 260 23.72 33.43 15.45
C VAL A 260 23.33 32.16 14.68
N LEU A 261 22.95 31.14 15.43
CA LEU A 261 22.53 29.85 14.87
C LEU A 261 21.00 29.82 14.80
N PRO A 262 20.43 29.24 13.73
CA PRO A 262 18.98 29.17 13.59
C PRO A 262 18.35 28.40 14.74
N GLN A 263 17.05 28.11 14.64
CA GLN A 263 16.33 27.35 15.66
C GLN A 263 16.73 25.89 15.76
N ASN A 264 17.75 25.49 14.98
CA ASN A 264 18.24 24.12 14.96
C ASN A 264 18.87 23.80 16.31
N LEU A 265 20.20 23.83 16.38
CA LEU A 265 20.89 23.55 17.63
C LEU A 265 20.31 24.47 18.70
N TYR A 266 19.80 25.61 18.26
CA TYR A 266 19.20 26.59 19.15
C TYR A 266 18.56 25.93 20.36
N ARG A 267 17.87 24.83 20.13
CA ARG A 267 17.23 24.11 21.22
C ARG A 267 17.69 22.66 21.33
N PHE A 269 20.71 21.61 22.17
CA PHE A 269 21.51 21.47 23.36
C PHE A 269 20.64 21.07 24.54
N VAL A 270 19.70 21.92 24.93
CA VAL A 270 18.84 21.63 26.07
C VAL A 270 18.14 20.28 25.91
N HIS A 271 17.67 19.98 24.70
CA HIS A 271 17.00 18.71 24.42
C HIS A 271 17.98 17.54 24.62
N GLY A 272 19.25 17.82 24.36
CA GLY A 272 20.26 16.78 24.56
C GLY A 272 20.32 16.48 26.04
N TYR A 273 20.68 17.48 26.84
CA TYR A 273 20.78 17.34 28.31
C TYR A 273 19.57 16.65 28.88
N GLN A 274 18.44 16.80 28.19
CA GLN A 274 17.21 16.16 28.60
C GLN A 274 17.28 14.68 28.26
N SER A 275 17.74 14.40 27.05
CA SER A 275 17.86 13.04 26.60
C SER A 275 18.84 12.33 27.54
N TYR A 276 19.85 13.07 27.98
CA TYR A 276 20.84 12.52 28.89
C TYR A 276 20.15 12.03 30.17
N ILE A 277 19.47 12.96 30.83
CA ILE A 277 18.76 12.66 32.07
C ILE A 277 17.78 11.52 31.84
N TYR A 278 17.12 11.55 30.69
CA TYR A 278 16.18 10.51 30.37
C TYR A 278 16.84 9.12 30.33
N ASN A 279 18.06 9.04 29.81
CA ASN A 279 18.77 7.76 29.74
C ASN A 279 19.03 7.23 31.14
N ILE A 280 19.64 8.06 31.96
CA ILE A 280 19.95 7.68 33.33
C ILE A 280 18.69 7.08 33.96
N ILE A 281 17.61 7.86 33.94
CA ILE A 281 16.33 7.45 34.51
C ILE A 281 15.88 6.08 34.02
N LEU A 282 15.94 5.86 32.72
CA LEU A 282 15.53 4.60 32.13
C LEU A 282 16.32 3.42 32.69
N CYS A 283 17.58 3.69 33.04
CA CYS A 283 18.50 2.69 33.59
C CYS A 283 18.15 2.39 35.03
N ARG A 284 18.17 3.45 35.84
CA ARG A 284 17.86 3.34 37.26
C ARG A 284 16.58 2.52 37.39
N ARG A 285 15.61 2.77 36.52
CA ARG A 285 14.36 2.04 36.59
C ARG A 285 14.56 0.57 36.20
N ILE A 286 15.49 0.31 35.30
CA ILE A 286 15.78 -1.06 34.89
C ILE A 286 16.52 -1.74 36.04
N GLU A 287 17.22 -0.94 36.84
CA GLU A 287 17.94 -1.50 37.97
C GLU A 287 16.97 -1.78 39.09
N ALA A 288 16.02 -0.87 39.29
CA ALA A 288 15.03 -1.03 40.36
C ALA A 288 14.24 -2.33 40.19
N GLY A 289 14.36 -2.96 39.02
CA GLY A 289 13.63 -4.20 38.78
C GLY A 289 12.23 -4.02 38.22
N ILE A 290 11.84 -2.77 37.95
CA ILE A 290 10.52 -2.48 37.40
C ILE A 290 10.57 -2.55 35.86
N PRO A 291 9.99 -3.62 35.27
CA PRO A 291 9.98 -3.82 33.82
C PRO A 291 9.45 -2.62 33.05
N LEU A 292 9.71 -2.60 31.76
CA LEU A 292 9.29 -1.48 30.94
C LEU A 292 7.93 -1.71 30.28
N ASN A 293 7.46 -2.95 30.29
CA ASN A 293 6.16 -3.24 29.70
C ASN A 293 5.07 -3.59 30.73
N ARG A 294 5.26 -3.14 31.97
CA ARG A 294 4.29 -3.36 33.04
C ARG A 294 4.16 -2.09 33.89
N ALA A 295 2.92 -1.73 34.19
CA ALA A 295 2.68 -0.52 34.98
C ALA A 295 2.57 -0.80 36.48
N VAL A 296 2.86 0.21 37.29
CA VAL A 296 2.77 0.11 38.74
C VAL A 296 2.02 1.32 39.29
N GLU A 297 2.08 1.54 40.58
CA GLU A 297 1.36 2.68 41.15
C GLU A 297 2.04 4.00 40.78
N GLY A 298 1.28 4.88 40.14
CA GLY A 298 1.81 6.18 39.75
C GLY A 298 2.93 6.08 38.74
N ASP A 299 2.78 5.19 37.77
CA ASP A 299 3.78 4.96 36.73
C ASP A 299 3.75 6.03 35.62
N ILE A 300 2.55 6.52 35.28
CA ILE A 300 2.35 7.53 34.22
C ILE A 300 2.57 6.94 32.82
N VAL A 301 1.50 6.78 32.07
CA VAL A 301 1.62 6.23 30.73
C VAL A 301 1.17 7.24 29.66
N CYS A 302 1.21 6.83 28.40
CA CYS A 302 0.77 7.66 27.28
C CYS A 302 -0.06 6.77 26.36
N PHE A 303 -0.83 7.39 25.48
CA PHE A 303 -1.68 6.66 24.55
C PHE A 303 -1.36 7.20 23.17
N ARG A 304 -1.79 6.47 22.15
CA ARG A 304 -1.56 6.88 20.78
C ARG A 304 -2.53 8.00 20.40
N ASN A 305 -2.01 9.06 19.79
CA ASN A 305 -2.81 10.22 19.38
C ASN A 305 -3.76 9.97 18.21
N GLU A 306 -4.46 8.84 18.25
CA GLU A 306 -5.42 8.48 17.20
C GLU A 306 -4.76 8.52 15.82
N VAL A 307 -3.45 8.33 15.80
CA VAL A 307 -2.67 8.32 14.57
C VAL A 307 -1.67 7.15 14.67
N GLY A 308 -1.78 6.39 15.76
CA GLY A 308 -0.91 5.26 15.98
C GLY A 308 0.46 5.66 16.46
N LEU A 309 0.53 6.81 17.12
CA LEU A 309 1.79 7.32 17.64
C LEU A 309 1.67 7.78 19.09
N PRO A 310 2.63 7.42 19.94
CA PRO A 310 2.59 7.83 21.35
C PRO A 310 2.99 9.30 21.52
N ASP A 311 2.07 10.11 22.05
CA ASP A 311 2.36 11.53 22.25
C ASP A 311 2.36 11.91 23.72
N SER A 312 3.32 12.76 24.09
CA SER A 312 3.44 13.23 25.47
C SER A 312 2.38 14.27 25.78
N SER A 313 1.30 14.30 25.00
CA SER A 313 0.24 15.26 25.23
C SER A 313 -0.75 14.73 26.27
N LYS A 314 -1.50 13.71 25.88
CA LYS A 314 -2.49 13.10 26.75
C LYS A 314 -1.86 11.97 27.56
N THR A 315 -1.51 12.28 28.81
CA THR A 315 -0.88 11.30 29.70
C THR A 315 -1.67 11.04 30.97
N GLU A 316 -2.33 9.89 31.02
CA GLU A 316 -3.12 9.47 32.18
C GLU A 316 -2.19 8.87 33.23
N LYS A 317 -2.40 9.23 34.49
CA LYS A 317 -1.58 8.70 35.57
C LYS A 317 -2.24 7.47 36.22
N VAL A 318 -1.52 6.35 36.23
CA VAL A 318 -2.05 5.12 36.82
C VAL A 318 -2.01 5.16 38.35
N THR A 319 -3.05 4.62 38.99
CA THR A 319 -3.13 4.60 40.46
C THR A 319 -3.30 3.17 40.98
N SER A 320 -3.56 3.05 42.27
CA SER A 320 -3.72 1.76 42.91
C SER A 320 -4.99 1.04 42.49
N GLU A 321 -5.87 1.74 41.79
CA GLU A 321 -7.12 1.13 41.35
C GLU A 321 -7.16 0.86 39.84
N THR A 322 -6.61 1.77 39.04
CA THR A 322 -6.59 1.61 37.58
C THR A 322 -5.42 0.74 37.10
N VAL A 323 -4.53 0.41 38.03
CA VAL A 323 -3.35 -0.42 37.73
C VAL A 323 -3.70 -1.66 36.92
N ASN A 324 -4.75 -2.37 37.32
CA ASN A 324 -5.15 -3.58 36.61
C ASN A 324 -5.63 -3.29 35.18
N ALA A 325 -6.21 -2.11 34.97
CA ALA A 325 -6.71 -1.73 33.65
C ALA A 325 -5.56 -1.22 32.75
N ASN A 327 -2.20 -2.01 32.82
CA ASN A 327 -1.39 -3.10 32.35
C ASN A 327 -2.12 -3.89 31.26
N ARG A 328 -3.44 -4.02 31.41
CA ARG A 328 -4.25 -4.75 30.44
C ARG A 328 -4.21 -4.08 29.06
N LEU A 329 -4.03 -2.76 29.04
CA LEU A 329 -3.96 -2.00 27.79
C LEU A 329 -2.58 -2.11 27.14
N LEU A 330 -1.53 -2.20 27.96
CA LEU A 330 -0.17 -2.32 27.45
C LEU A 330 -0.06 -3.52 26.52
N LYS A 331 -0.56 -4.66 26.97
CA LYS A 331 -0.51 -5.90 26.18
C LYS A 331 -1.43 -5.84 24.97
N LEU A 332 -2.21 -4.77 24.89
CA LEU A 332 -3.14 -4.59 23.79
C LEU A 332 -2.62 -3.46 22.88
N GLY A 333 -1.44 -2.95 23.22
CA GLY A 333 -0.82 -1.89 22.44
C GLY A 333 -1.67 -0.64 22.38
N ARG A 334 -2.09 -0.14 23.55
CA ARG A 334 -2.89 1.07 23.58
C ARG A 334 -2.37 2.03 24.64
N ALA A 335 -1.28 1.65 25.30
CA ALA A 335 -0.65 2.47 26.33
C ALA A 335 0.83 2.08 26.40
N PHE A 336 1.65 2.97 26.97
CA PHE A 336 3.09 2.75 27.07
C PHE A 336 3.61 3.46 28.32
N ILE A 337 4.47 2.79 29.08
CA ILE A 337 5.05 3.40 30.28
C ILE A 337 6.00 4.47 29.75
N THR A 338 5.97 5.67 30.32
CA THR A 338 6.84 6.72 29.83
C THR A 338 7.81 7.17 30.91
N ALA A 339 8.86 7.89 30.48
CA ALA A 339 9.87 8.40 31.39
C ALA A 339 9.92 9.89 31.15
N PRO A 340 10.35 10.65 32.15
CA PRO A 340 10.43 12.10 32.01
C PRO A 340 11.59 12.71 31.27
N LEU A 341 11.30 13.75 30.50
CA LEU A 341 12.33 14.49 29.80
C LEU A 341 12.21 15.86 30.48
N PRO A 342 12.79 15.98 31.69
CA PRO A 342 12.81 17.17 32.55
C PRO A 342 12.77 18.55 31.85
N GLY A 343 11.95 19.44 32.40
CA GLY A 343 11.80 20.80 31.89
C GLY A 343 11.26 21.66 33.01
N TYR A 344 10.21 22.44 32.76
CA TYR A 344 9.65 23.25 33.83
C TYR A 344 8.15 23.03 33.90
N ASN A 345 7.70 22.01 33.18
CA ASN A 345 6.28 21.65 33.09
C ASN A 345 6.23 20.13 33.20
N THR A 346 7.20 19.57 33.90
CA THR A 346 7.29 18.12 34.07
C THR A 346 6.45 17.66 35.25
N GLU A 347 5.85 16.48 35.08
CA GLU A 347 5.02 15.88 36.11
C GLU A 347 5.64 14.57 36.55
N PHE A 348 6.45 14.61 37.61
CA PHE A 348 7.08 13.41 38.12
C PHE A 348 6.01 12.36 38.39
N ALA A 349 6.36 11.09 38.29
CA ALA A 349 5.42 10.02 38.55
C ALA A 349 5.30 9.78 40.07
N SER A 350 4.42 8.88 40.48
CA SER A 350 4.26 8.58 41.90
C SER A 350 4.53 7.12 42.19
N GLY A 351 4.82 6.83 43.45
CA GLY A 351 5.11 5.46 43.85
C GLY A 351 6.57 5.12 43.66
N ILE A 352 6.86 3.85 43.39
CA ILE A 352 8.23 3.41 43.17
C ILE A 352 8.89 4.16 42.00
N PRO A 353 8.20 4.22 40.82
CA PRO A 353 8.80 4.93 39.69
C PRO A 353 9.08 6.40 39.97
N GLY A 354 8.22 7.00 40.77
CA GLY A 354 8.40 8.40 41.13
C GLY A 354 9.66 8.58 41.94
N GLU A 355 10.00 7.58 42.74
CA GLU A 355 11.21 7.63 43.54
C GLU A 355 12.43 7.60 42.64
N ILE A 356 12.37 6.79 41.59
CA ILE A 356 13.49 6.69 40.67
C ILE A 356 13.73 8.02 39.98
N GLU A 357 12.65 8.61 39.45
CA GLU A 357 12.74 9.87 38.74
C GLU A 357 13.32 10.95 39.65
N ASN A 358 12.78 11.07 40.84
CA ASN A 358 13.27 12.08 41.79
C ASN A 358 14.68 11.73 42.26
N GLY A 359 15.06 10.46 42.16
CA GLY A 359 16.39 10.06 42.58
C GLY A 359 17.46 10.35 41.54
N VAL A 360 17.04 10.65 40.31
CA VAL A 360 18.00 10.96 39.27
C VAL A 360 18.21 12.47 39.24
N LEU A 361 17.12 13.21 39.44
CA LEU A 361 17.21 14.66 39.42
C LEU A 361 17.96 15.10 40.67
N LYS A 362 17.88 14.29 41.72
CA LYS A 362 18.53 14.62 42.99
C LYS A 362 20.06 14.53 42.91
N GLU A 363 20.57 13.33 42.66
CA GLU A 363 22.01 13.13 42.55
C GLU A 363 22.62 14.02 41.48
N LEU A 364 21.86 14.26 40.42
CA LEU A 364 22.33 15.07 39.32
C LEU A 364 22.25 16.55 39.66
N GLY A 365 21.66 16.86 40.80
CA GLY A 365 21.53 18.25 41.22
C GLY A 365 20.75 19.07 40.22
N VAL A 366 19.84 18.42 39.51
CA VAL A 366 19.01 19.07 38.50
C VAL A 366 17.91 19.88 39.18
N SER A 367 17.56 21.01 38.57
CA SER A 367 16.51 21.90 39.06
C SER A 367 15.49 22.24 37.98
N LEU A 368 14.23 21.85 38.19
CA LEU A 368 13.16 22.14 37.24
C LEU A 368 13.07 23.64 36.92
N GLU A 369 13.32 24.46 37.93
CA GLU A 369 13.27 25.92 37.81
C GLU A 369 14.46 26.39 36.99
N GLY A 370 15.35 25.46 36.68
CA GLY A 370 16.54 25.78 35.91
C GLY A 370 16.34 25.68 34.40
N PHE A 371 15.32 24.92 33.98
CA PHE A 371 15.04 24.75 32.57
C PHE A 371 14.37 25.97 31.94
N ASN A 372 14.62 27.13 32.52
CA ASN A 372 14.06 28.36 32.01
C ASN A 372 15.20 29.36 31.81
N ILE A 373 16.00 29.12 30.79
CA ILE A 373 17.13 29.97 30.49
C ILE A 373 16.72 31.45 30.51
N GLU A 374 17.28 32.23 31.44
CA GLU A 374 16.97 33.65 31.52
C GLU A 374 17.51 34.38 30.29
N LYS A 375 18.80 34.23 30.03
CA LYS A 375 19.44 34.88 28.88
C LYS A 375 18.71 34.51 27.59
N PHE A 376 18.38 33.23 27.44
CA PHE A 376 17.68 32.73 26.25
C PHE A 376 16.41 31.96 26.59
N PRO A 377 15.33 32.67 26.89
CA PRO A 377 14.06 32.01 27.23
C PRO A 377 13.58 31.09 26.11
N GLU A 378 13.64 31.57 24.88
CA GLU A 378 13.21 30.81 23.70
C GLU A 378 13.92 29.46 23.72
N SER A 380 14.61 27.87 26.43
CA SER A 380 14.17 27.10 27.59
C SER A 380 12.94 26.28 27.25
N SER A 381 13.02 25.00 27.60
CA SER A 381 11.94 24.08 27.35
C SER A 381 11.24 23.78 28.67
N LYS A 382 10.01 23.27 28.56
CA LYS A 382 9.21 22.94 29.72
C LYS A 382 9.25 21.44 30.00
N GLY A 383 9.78 20.66 29.07
CA GLY A 383 9.87 19.22 29.27
C GLY A 383 8.84 18.43 28.49
N THR A 384 9.06 17.12 28.38
CA THR A 384 8.16 16.23 27.67
C THR A 384 8.20 14.88 28.35
N ARG A 385 7.49 13.89 27.80
CA ARG A 385 7.48 12.56 28.39
C ARG A 385 7.52 11.46 27.33
N ARG A 386 8.73 11.09 26.92
CA ARG A 386 8.96 10.06 25.90
C ARG A 386 8.71 8.67 26.44
N GLU A 387 8.29 7.77 25.56
CA GLU A 387 8.03 6.39 25.95
C GLU A 387 9.33 5.77 26.47
N VAL A 388 9.24 4.55 26.97
CA VAL A 388 10.40 3.87 27.53
C VAL A 388 10.85 2.64 26.75
N LEU A 389 9.91 1.79 26.36
CA LEU A 389 10.21 0.58 25.63
C LEU A 389 10.12 0.85 24.14
N LEU A 390 11.00 0.24 23.37
CA LEU A 390 10.99 0.42 21.94
C LEU A 390 10.57 -0.91 21.31
N GLU A 391 9.27 -1.03 21.03
CA GLU A 391 8.72 -2.24 20.45
C GLU A 391 9.66 -2.80 19.38
N VAL A 392 9.98 -4.09 19.51
CA VAL A 392 10.85 -4.82 18.59
C VAL A 392 10.69 -6.32 18.78
N LYS A 393 10.51 -7.05 17.68
CA LYS A 393 10.38 -8.50 17.74
C LYS A 393 11.30 -9.13 16.71
N PRO A 394 12.62 -9.09 16.98
CA PRO A 394 13.64 -9.64 16.09
C PRO A 394 13.60 -11.14 15.85
N LYS A 395 14.29 -11.55 14.77
CA LYS A 395 14.38 -12.95 14.37
C LYS A 395 15.85 -13.23 14.04
N PHE A 396 16.53 -13.94 14.93
CA PHE A 396 17.95 -14.26 14.76
C PHE A 396 18.21 -15.48 13.88
N GLU A 397 19.46 -15.61 13.47
CA GLU A 397 19.92 -16.70 12.60
C GLU A 397 21.44 -16.76 12.78
N ALA A 398 21.93 -17.81 13.42
CA ALA A 398 23.35 -17.95 13.66
C ALA A 398 23.97 -18.92 12.67
N GLY A 399 25.30 -18.99 12.70
CA GLY A 399 25.99 -19.88 11.80
C GLY A 399 27.45 -19.53 11.69
N GLU A 400 28.12 -20.19 10.75
CA GLU A 400 29.54 -19.98 10.50
C GLU A 400 29.71 -18.96 9.39
N ASP A 401 30.62 -18.01 9.58
CA ASP A 401 30.85 -17.01 8.56
C ASP A 401 32.11 -17.28 7.76
N GLU A 402 31.90 -17.44 6.47
CA GLU A 402 32.95 -17.69 5.51
C GLU A 402 34.06 -16.64 5.63
N LEU A 403 33.71 -15.36 5.51
CA LEU A 403 34.72 -14.31 5.58
C LEU A 403 35.67 -14.40 6.77
N ASN A 404 35.22 -15.03 7.85
CA ASN A 404 36.06 -15.18 9.04
C ASN A 404 36.02 -16.62 9.52
N PRO A 405 36.94 -17.46 8.99
CA PRO A 405 37.03 -18.89 9.33
C PRO A 405 37.35 -19.13 10.81
N GLY A 406 36.52 -19.95 11.44
CA GLY A 406 36.69 -20.28 12.85
C GLY A 406 35.74 -19.47 13.73
N LYS A 407 35.27 -18.33 13.21
CA LYS A 407 34.35 -17.45 13.94
C LYS A 407 32.93 -17.69 13.44
N SER A 408 31.97 -17.11 14.15
CA SER A 408 30.57 -17.26 13.75
C SER A 408 29.98 -15.92 13.30
N LYS A 409 28.76 -15.95 12.79
CA LYS A 409 28.08 -14.73 12.35
C LYS A 409 26.63 -14.78 12.81
N ALA A 410 25.99 -13.61 12.89
CA ALA A 410 24.59 -13.56 13.33
C ALA A 410 23.78 -12.71 12.36
N VAL A 411 22.63 -13.20 11.95
CA VAL A 411 21.77 -12.47 11.02
C VAL A 411 20.54 -11.91 11.72
N LEU A 412 20.63 -10.70 12.25
CA LEU A 412 19.51 -10.07 12.94
C LEU A 412 18.56 -9.34 11.99
N GLU A 413 17.34 -9.83 11.83
CA GLU A 413 16.39 -9.16 10.94
C GLU A 413 15.12 -8.76 11.65
N PHE A 414 14.85 -7.46 11.70
CA PHE A 414 13.65 -6.98 12.37
C PHE A 414 13.11 -5.75 11.64
N LEU A 416 11.66 -1.46 12.31
CA LEU A 416 11.44 -0.32 13.18
C LEU A 416 10.59 0.76 12.47
N PRO A 417 9.89 1.62 13.23
CA PRO A 417 9.05 2.68 12.66
C PRO A 417 9.86 3.95 12.44
N LYS A 418 9.47 4.76 11.46
CA LYS A 418 10.22 5.99 11.18
C LYS A 418 10.51 6.78 12.44
N GLY A 419 11.79 7.10 12.65
CA GLY A 419 12.18 7.85 13.81
C GLY A 419 13.02 7.01 14.75
N SER A 420 12.98 5.69 14.59
CA SER A 420 13.79 4.81 15.44
C SER A 420 15.05 4.34 14.71
N TYR A 421 16.07 3.96 15.47
CA TYR A 421 17.37 3.53 14.94
C TYR A 421 17.74 2.07 15.25
N ALA A 422 18.41 1.42 14.31
CA ALA A 422 18.83 0.03 14.46
C ALA A 422 19.88 -0.17 15.55
N THR A 423 20.73 0.83 15.76
CA THR A 423 21.75 0.71 16.79
C THR A 423 21.11 0.41 18.12
N THR A 424 19.91 0.94 18.32
CA THR A 424 19.20 0.72 19.57
C THR A 424 18.85 -0.75 19.77
N VAL A 425 18.75 -1.49 18.68
CA VAL A 425 18.41 -2.89 18.78
C VAL A 425 19.67 -3.72 18.89
N LEU A 426 20.68 -3.33 18.11
CA LEU A 426 21.96 -4.02 18.07
C LEU A 426 22.72 -4.01 19.37
N ARG A 427 22.72 -2.87 20.06
CA ARG A 427 23.42 -2.74 21.33
C ARG A 427 23.10 -3.88 22.32
N GLU A 428 21.82 -4.28 22.41
CA GLU A 428 21.47 -5.35 23.34
C GLU A 428 21.98 -6.72 22.86
N TYR A 429 22.27 -6.80 21.56
CA TYR A 429 22.77 -8.05 20.98
C TYR A 429 24.29 -8.14 20.92
N LYS A 431 26.38 -5.63 22.61
CA LYS A 431 26.92 -5.06 23.83
C LYS A 431 28.41 -4.74 23.66
N VAL A 432 28.73 -3.87 22.70
CA VAL A 432 30.12 -3.48 22.48
C VAL A 432 30.22 -1.99 22.31
N ASN A 433 31.45 -1.48 22.22
CA ASN A 433 31.66 -0.06 22.07
C ASN A 433 30.93 0.44 20.83
N PRO A 434 30.22 1.57 20.94
CA PRO A 434 29.45 2.17 19.83
C PRO A 434 30.33 2.54 18.62
N LEU A 435 31.63 2.64 18.85
CA LEU A 435 32.57 2.97 17.78
C LEU A 435 33.09 1.67 17.12
N GLN A 436 33.14 0.59 17.88
CA GLN A 436 33.58 -0.72 17.38
C GLN A 436 32.42 -1.34 16.59
N GLU B 2 -29.12 5.57 -30.95
CA GLU B 2 -27.87 6.07 -31.47
C GLU B 2 -26.72 5.27 -30.82
N VAL B 3 -26.76 3.94 -30.93
CA VAL B 3 -25.72 3.09 -30.34
C VAL B 3 -24.43 3.08 -31.14
N PRO B 4 -23.29 3.28 -30.46
CA PRO B 4 -22.01 3.28 -31.15
C PRO B 4 -21.65 1.96 -31.84
N GLU B 5 -20.83 2.06 -32.89
CA GLU B 5 -20.41 0.89 -33.68
C GLU B 5 -19.69 -0.12 -32.78
N ILE B 6 -18.87 0.39 -31.87
CA ILE B 6 -18.15 -0.48 -30.95
C ILE B 6 -19.09 -1.52 -30.31
N GLU B 7 -20.18 -1.06 -29.70
CA GLU B 7 -21.14 -1.97 -29.09
C GLU B 7 -21.88 -2.81 -30.11
N LYS B 8 -22.14 -2.24 -31.29
CA LYS B 8 -22.83 -3.01 -32.33
C LYS B 8 -21.96 -4.18 -32.78
N GLN B 9 -20.64 -4.03 -32.65
CA GLN B 9 -19.70 -5.08 -33.03
C GLN B 9 -19.66 -6.24 -32.04
N ILE B 10 -20.08 -6.01 -30.81
CA ILE B 10 -20.09 -7.09 -29.83
C ILE B 10 -21.53 -7.56 -29.65
N GLY B 11 -22.33 -7.34 -30.69
CA GLY B 11 -23.71 -7.78 -30.67
C GLY B 11 -24.78 -6.96 -29.96
N ILE B 12 -24.45 -5.76 -29.52
CA ILE B 12 -25.44 -4.93 -28.84
C ILE B 12 -25.77 -3.76 -29.74
N ASN B 13 -26.90 -3.85 -30.42
CA ASN B 13 -27.29 -2.78 -31.34
C ASN B 13 -28.45 -1.87 -30.91
N LEU B 14 -28.94 -2.03 -29.68
CA LEU B 14 -30.01 -1.18 -29.17
C LEU B 14 -29.88 -0.96 -27.67
N TYR B 15 -30.96 -0.45 -27.10
CA TYR B 15 -31.08 -0.15 -25.68
C TYR B 15 -32.44 -0.68 -25.27
N SER B 16 -32.68 -0.85 -23.97
CA SER B 16 -33.97 -1.37 -23.52
C SER B 16 -34.89 -0.24 -23.12
N THR B 17 -34.31 0.90 -22.77
CA THR B 17 -35.09 2.04 -22.36
C THR B 17 -35.01 3.10 -23.45
N ASP B 18 -36.15 3.70 -23.75
CA ASP B 18 -36.22 4.72 -24.78
C ASP B 18 -35.99 6.14 -24.28
N THR B 19 -35.27 6.31 -23.18
CA THR B 19 -35.06 7.67 -22.67
C THR B 19 -33.71 8.27 -23.05
N THR B 20 -33.68 9.56 -23.31
CA THR B 20 -32.43 10.21 -23.67
C THR B 20 -31.33 9.94 -22.65
N GLY B 21 -30.13 9.62 -23.14
CA GLY B 21 -29.03 9.34 -22.24
C GLY B 21 -28.62 10.55 -21.43
N LEU B 22 -28.02 10.33 -20.28
CA LEU B 22 -27.58 11.43 -19.43
C LEU B 22 -26.23 11.99 -19.85
N GLY B 23 -25.47 11.21 -20.61
CA GLY B 23 -24.15 11.68 -21.00
C GLY B 23 -23.32 11.75 -19.74
N GLY B 24 -22.69 12.88 -19.46
CA GLY B 24 -21.89 13.00 -18.26
C GLY B 24 -20.68 12.10 -18.24
N GLN B 25 -19.89 12.20 -17.17
CA GLN B 25 -18.67 11.41 -16.97
C GLN B 25 -18.58 10.84 -15.56
N LEU B 26 -17.76 9.80 -15.40
CA LEU B 26 -17.61 9.13 -14.12
C LEU B 26 -16.19 9.19 -13.59
N ARG B 27 -16.00 8.71 -12.38
CA ARG B 27 -14.67 8.70 -11.78
C ARG B 27 -14.03 10.08 -11.79
N GLN B 28 -14.82 11.13 -11.87
CA GLN B 28 -14.21 12.45 -11.87
C GLN B 28 -13.51 12.70 -10.53
N GLU B 29 -14.08 12.12 -9.48
CA GLU B 29 -13.54 12.26 -8.14
C GLU B 29 -13.57 10.89 -7.44
N ILE B 30 -12.57 10.59 -6.62
CA ILE B 30 -12.56 9.30 -5.94
C ILE B 30 -13.90 8.94 -5.33
N GLU B 31 -14.47 9.83 -4.52
CA GLU B 31 -15.77 9.56 -3.91
C GLU B 31 -16.92 9.41 -4.91
N ASP B 32 -16.72 9.78 -6.18
CA ASP B 32 -17.77 9.64 -7.20
C ASP B 32 -18.06 8.17 -7.51
N PHE B 33 -17.28 7.28 -6.92
CA PHE B 33 -17.50 5.87 -7.08
C PHE B 33 -17.33 5.27 -5.70
N ILE B 34 -18.45 4.92 -5.06
CA ILE B 34 -18.42 4.34 -3.73
C ILE B 34 -18.98 2.94 -3.84
N VAL B 35 -18.23 1.97 -3.32
CA VAL B 35 -18.63 0.56 -3.36
C VAL B 35 -18.50 -0.06 -1.97
N LYS B 36 -19.58 -0.67 -1.49
CA LYS B 36 -19.59 -1.31 -0.17
C LYS B 36 -19.95 -2.78 -0.35
N GLU B 37 -19.15 -3.68 0.19
CA GLU B 37 -19.42 -5.11 0.03
C GLU B 37 -20.65 -5.55 0.81
N ILE B 38 -21.33 -6.56 0.30
CA ILE B 38 -22.47 -7.10 0.99
C ILE B 38 -22.10 -8.53 1.37
N THR B 39 -21.58 -8.72 2.57
CA THR B 39 -21.15 -10.03 3.01
C THR B 39 -22.24 -11.06 3.01
N ASN B 40 -21.83 -12.32 3.07
CA ASN B 40 -22.77 -13.43 3.10
C ASN B 40 -22.35 -14.39 4.21
N ARG B 41 -21.69 -13.83 5.21
CA ARG B 41 -21.24 -14.60 6.35
C ARG B 41 -21.19 -13.74 7.60
N GLU B 42 -21.46 -14.36 8.74
CA GLU B 42 -21.45 -13.66 10.01
C GLU B 42 -20.26 -14.14 10.85
N GLU B 43 -19.52 -13.19 11.41
CA GLU B 43 -18.35 -13.53 12.21
C GLU B 43 -18.74 -13.79 13.67
N GLY B 44 -17.77 -14.19 14.49
CA GLY B 44 -18.09 -14.45 15.89
C GLY B 44 -17.18 -13.71 16.85
N GLU B 45 -16.65 -14.44 17.82
CA GLU B 45 -15.74 -13.86 18.80
C GLU B 45 -14.63 -14.85 19.12
N GLU B 46 -14.78 -16.06 18.62
CA GLU B 46 -13.78 -17.11 18.83
C GLU B 46 -13.17 -17.44 17.46
N GLY B 47 -11.89 -17.79 17.42
CA GLY B 47 -11.28 -18.14 16.16
C GLY B 47 -9.88 -17.58 15.93
N LYS B 48 -9.10 -18.30 15.14
CA LYS B 48 -7.73 -17.89 14.84
C LYS B 48 -7.75 -16.75 13.84
N TYR B 49 -8.74 -16.80 12.95
CA TYR B 49 -8.92 -15.79 11.92
C TYR B 49 -9.56 -14.52 12.47
N LEU B 50 -8.84 -13.42 12.30
CA LEU B 50 -9.28 -12.10 12.74
C LEU B 50 -9.93 -11.41 11.53
N ILE B 51 -11.22 -11.14 11.65
CA ILE B 51 -11.94 -10.50 10.57
C ILE B 51 -11.97 -9.01 10.79
N VAL B 52 -11.61 -8.27 9.75
CA VAL B 52 -11.56 -6.82 9.82
C VAL B 52 -12.17 -6.19 8.59
N GLU B 53 -12.79 -5.02 8.79
CA GLU B 53 -13.42 -4.26 7.73
C GLU B 53 -12.43 -3.27 7.15
N LEU B 54 -12.18 -3.41 5.86
CA LEU B 54 -11.23 -2.55 5.17
C LEU B 54 -11.91 -1.45 4.37
N THR B 55 -11.51 -0.22 4.61
CA THR B 55 -12.09 0.90 3.89
C THR B 55 -10.92 1.59 3.20
N LYS B 56 -10.97 1.68 1.89
CA LYS B 56 -9.86 2.29 1.19
C LYS B 56 -10.24 3.34 0.17
N ARG B 57 -9.40 4.35 0.07
CA ARG B 57 -9.64 5.39 -0.87
C ARG B 57 -8.43 5.46 -1.80
N ASP B 58 -8.65 5.16 -3.07
CA ASP B 58 -7.59 5.23 -4.08
C ASP B 58 -6.41 4.29 -3.80
N TRP B 59 -6.71 3.04 -3.46
CA TRP B 59 -5.70 2.03 -3.12
C TRP B 59 -5.92 0.76 -3.90
N ASP B 60 -4.83 0.10 -4.26
CA ASP B 60 -4.88 -1.15 -5.00
C ASP B 60 -4.96 -2.27 -3.98
N THR B 61 -6.00 -3.07 -4.06
CA THR B 61 -6.12 -4.15 -3.13
C THR B 61 -4.81 -4.90 -2.96
N HIS B 62 -4.14 -5.22 -4.05
CA HIS B 62 -2.89 -5.95 -3.94
C HIS B 62 -1.78 -5.15 -3.28
N HIS B 63 -1.76 -3.83 -3.48
CA HIS B 63 -0.75 -2.97 -2.88
C HIS B 63 -0.97 -2.77 -1.40
N LEU B 64 -2.25 -2.75 -1.01
CA LEU B 64 -2.69 -2.55 0.38
C LEU B 64 -2.32 -3.75 1.25
N THR B 65 -2.81 -4.93 0.87
CA THR B 65 -2.51 -6.12 1.65
C THR B 65 -0.99 -6.28 1.71
N ARG B 66 -0.31 -5.94 0.63
CA ARG B 66 1.15 -6.04 0.56
C ARG B 66 1.77 -5.21 1.69
N THR B 67 1.38 -3.95 1.79
CA THR B 67 1.93 -3.11 2.84
C THR B 67 1.38 -3.47 4.20
N LEU B 68 0.17 -4.00 4.19
CA LEU B 68 -0.51 -4.38 5.41
C LEU B 68 0.31 -5.48 6.10
N SER B 69 0.58 -6.55 5.37
CA SER B 69 1.35 -7.65 5.92
C SER B 69 2.73 -7.17 6.38
N ARG B 70 3.36 -6.32 5.58
CA ARG B 70 4.69 -5.78 5.90
C ARG B 70 4.69 -5.01 7.24
N ILE B 71 3.75 -4.09 7.40
CA ILE B 71 3.62 -3.28 8.61
C ILE B 71 3.46 -4.17 9.85
N LEU B 72 2.83 -5.33 9.66
CA LEU B 72 2.61 -6.28 10.74
C LEU B 72 3.88 -7.09 10.96
N GLN B 73 3.99 -8.20 10.23
CA GLN B 73 5.15 -9.08 10.32
C GLN B 73 4.73 -10.38 9.65
N VAL B 74 3.42 -10.54 9.50
CA VAL B 74 2.86 -11.73 8.88
C VAL B 74 3.16 -11.78 7.38
N SER B 75 2.74 -12.86 6.72
CA SER B 75 2.96 -13.00 5.28
C SER B 75 1.67 -12.68 4.56
N GLN B 76 1.77 -12.38 3.27
CA GLN B 76 0.60 -12.05 2.47
C GLN B 76 -0.32 -13.24 2.29
N LYS B 77 0.15 -14.41 2.69
CA LYS B 77 -0.66 -15.62 2.56
C LYS B 77 -1.68 -15.65 3.68
N ARG B 78 -1.44 -14.86 4.71
CA ARG B 78 -2.36 -14.81 5.85
C ARG B 78 -3.59 -13.93 5.58
N ILE B 79 -3.36 -12.78 4.94
CA ILE B 79 -4.43 -11.85 4.63
C ILE B 79 -5.19 -12.29 3.38
N SER B 80 -6.49 -12.58 3.54
CA SER B 80 -7.32 -13.01 2.43
C SER B 80 -8.53 -12.09 2.24
N VAL B 81 -9.00 -11.96 0.99
CA VAL B 81 -10.14 -11.12 0.63
C VAL B 81 -11.18 -11.93 -0.10
N ALA B 82 -12.40 -11.42 -0.12
CA ALA B 82 -13.47 -12.14 -0.80
C ALA B 82 -13.64 -11.64 -2.23
N GLY B 83 -13.16 -10.42 -2.47
CA GLY B 83 -13.27 -9.81 -3.78
C GLY B 83 -12.34 -8.64 -3.90
N THR B 84 -12.09 -8.22 -5.13
CA THR B 84 -11.18 -7.11 -5.35
C THR B 84 -12.01 -5.93 -5.80
N LYS B 85 -11.93 -4.83 -5.06
CA LYS B 85 -12.70 -3.64 -5.38
C LYS B 85 -11.83 -2.65 -6.13
N ASP B 86 -12.44 -1.89 -7.01
CA ASP B 86 -11.71 -0.90 -7.79
C ASP B 86 -10.70 -0.12 -6.95
N LYS B 87 -9.72 0.49 -7.61
CA LYS B 87 -8.74 1.28 -6.90
C LYS B 87 -9.27 2.71 -6.87
N ARG B 88 -9.65 3.23 -8.03
CA ARG B 88 -10.17 4.59 -8.08
C ARG B 88 -11.61 4.62 -7.62
N ALA B 89 -11.77 4.54 -6.31
CA ALA B 89 -13.09 4.54 -5.69
C ALA B 89 -12.89 4.55 -4.18
N LEU B 90 -14.00 4.49 -3.46
CA LEU B 90 -13.96 4.45 -2.03
C LEU B 90 -14.62 3.11 -1.72
N THR B 91 -13.82 2.12 -1.36
CA THR B 91 -14.37 0.80 -1.10
C THR B 91 -14.31 0.37 0.37
N THR B 92 -15.24 -0.51 0.73
CA THR B 92 -15.37 -1.08 2.07
C THR B 92 -15.61 -2.55 1.90
N GLN B 93 -14.74 -3.35 2.50
CA GLN B 93 -14.84 -4.81 2.40
C GLN B 93 -14.26 -5.46 3.63
N LYS B 94 -14.56 -6.73 3.79
CA LYS B 94 -14.07 -7.48 4.92
C LYS B 94 -12.92 -8.41 4.55
N ILE B 95 -11.82 -8.34 5.29
CA ILE B 95 -10.65 -9.19 5.06
C ILE B 95 -10.41 -10.07 6.29
N SER B 96 -9.65 -11.14 6.12
CA SER B 96 -9.34 -12.06 7.22
C SER B 96 -7.84 -12.24 7.41
N ILE B 97 -7.38 -12.16 8.65
CA ILE B 97 -5.95 -12.34 8.94
C ILE B 97 -5.84 -13.24 10.17
N PHE B 98 -5.41 -14.48 9.99
CA PHE B 98 -5.32 -15.38 11.13
C PHE B 98 -4.08 -15.25 12.02
N ASP B 99 -4.22 -15.69 13.26
CA ASP B 99 -3.13 -15.63 14.22
C ASP B 99 -2.63 -14.21 14.36
N THR B 100 -3.55 -13.27 14.52
CA THR B 100 -3.18 -11.87 14.68
C THR B 100 -4.13 -11.23 15.68
N ASP B 101 -3.59 -10.73 16.78
CA ASP B 101 -4.41 -10.09 17.81
C ASP B 101 -5.06 -8.84 17.26
N ALA B 102 -6.33 -8.62 17.60
CA ALA B 102 -7.08 -7.47 17.14
C ALA B 102 -6.50 -6.18 17.68
N SER B 103 -5.30 -6.25 18.26
CA SER B 103 -4.65 -5.09 18.83
C SER B 103 -3.66 -4.50 17.83
N GLU B 104 -3.16 -5.34 16.93
CA GLU B 104 -2.21 -4.89 15.92
C GLU B 104 -2.82 -3.80 15.03
N ILE B 105 -3.80 -4.17 14.21
CA ILE B 105 -4.45 -3.25 13.28
C ILE B 105 -4.95 -1.99 13.99
N GLU B 106 -5.10 -2.09 15.30
CA GLU B 106 -5.58 -0.98 16.11
C GLU B 106 -4.51 0.10 16.17
N LYS B 107 -3.24 -0.29 16.01
CA LYS B 107 -2.14 0.66 16.05
C LYS B 107 -1.92 1.31 14.69
N ILE B 108 -1.78 0.48 13.66
CA ILE B 108 -1.56 0.95 12.29
C ILE B 108 -2.59 1.97 11.82
N HIS B 109 -2.10 3.01 11.17
CA HIS B 109 -2.95 4.08 10.65
C HIS B 109 -2.35 4.67 9.36
N LEU B 110 -3.04 4.50 8.24
CA LEU B 110 -2.54 5.05 6.98
C LEU B 110 -3.59 5.95 6.35
N LYS B 111 -3.15 6.95 5.61
CA LYS B 111 -4.07 7.84 4.95
C LYS B 111 -4.85 7.09 3.88
N ASP B 112 -6.09 7.51 3.66
CA ASP B 112 -6.97 6.88 2.67
C ASP B 112 -7.32 5.45 3.08
N ILE B 113 -6.88 5.05 4.27
CA ILE B 113 -7.16 3.71 4.81
C ILE B 113 -7.83 3.79 6.19
N GLU B 114 -8.77 2.91 6.44
CA GLU B 114 -9.45 2.88 7.73
C GLU B 114 -9.71 1.41 8.02
N LEU B 115 -9.18 0.91 9.14
CA LEU B 115 -9.37 -0.48 9.55
C LEU B 115 -10.14 -0.56 10.86
N LYS B 116 -10.92 -1.63 11.03
CA LYS B 116 -11.67 -1.83 12.27
C LYS B 116 -12.10 -3.29 12.34
N VAL B 117 -11.91 -3.93 13.48
CA VAL B 117 -12.27 -5.33 13.62
C VAL B 117 -13.78 -5.55 13.67
N LEU B 118 -14.24 -6.63 13.06
CA LEU B 118 -15.66 -6.97 13.04
C LEU B 118 -15.92 -8.17 13.93
N GLY B 119 -14.86 -8.90 14.24
CA GLY B 119 -14.99 -10.09 15.07
C GLY B 119 -13.95 -11.10 14.66
N ARG B 120 -14.14 -12.35 15.07
CA ARG B 120 -13.19 -13.38 14.72
C ARG B 120 -13.93 -14.57 14.14
N SER B 121 -13.18 -15.49 13.56
CA SER B 121 -13.77 -16.67 12.94
C SER B 121 -12.76 -17.77 12.74
N ARG B 122 -13.29 -18.95 12.42
CA ARG B 122 -12.46 -20.12 12.16
C ARG B 122 -12.29 -20.30 10.65
N LYS B 123 -13.30 -19.87 9.89
CA LYS B 123 -13.29 -19.98 8.43
C LYS B 123 -12.66 -18.73 7.81
N SER B 124 -11.67 -18.94 6.95
CA SER B 124 -10.96 -17.86 6.28
C SER B 124 -11.85 -17.16 5.26
N VAL B 125 -11.54 -15.91 4.96
CA VAL B 125 -12.32 -15.20 3.96
C VAL B 125 -11.70 -15.45 2.60
N GLU B 126 -12.38 -16.22 1.76
CA GLU B 126 -11.89 -16.56 0.42
C GLU B 126 -12.82 -16.01 -0.66
N LEU B 127 -12.41 -16.13 -1.92
CA LEU B 127 -13.23 -15.65 -3.01
C LEU B 127 -14.65 -16.16 -2.99
N GLY B 128 -15.58 -15.26 -3.24
CA GLY B 128 -16.98 -15.65 -3.26
C GLY B 128 -17.68 -15.47 -1.93
N ASP B 129 -16.90 -15.26 -0.88
CA ASP B 129 -17.43 -15.06 0.45
C ASP B 129 -18.19 -13.74 0.50
N LEU B 130 -19.07 -13.55 -0.47
CA LEU B 130 -19.88 -12.34 -0.54
C LEU B 130 -21.09 -12.58 -1.43
N TRP B 131 -22.08 -11.70 -1.31
CA TRP B 131 -23.25 -11.82 -2.15
C TRP B 131 -23.01 -10.96 -3.36
N GLY B 132 -22.42 -9.79 -3.10
CA GLY B 132 -22.12 -8.78 -4.11
C GLY B 132 -21.80 -7.42 -3.47
N ASN B 133 -22.32 -6.33 -4.02
CA ASN B 133 -22.00 -5.02 -3.45
C ASN B 133 -23.08 -3.94 -3.65
N ASP B 134 -23.08 -2.92 -2.77
CA ASP B 134 -23.98 -1.77 -2.82
C ASP B 134 -23.15 -0.69 -3.52
N PHE B 135 -23.68 -0.15 -4.61
CA PHE B 135 -23.04 0.89 -5.38
C PHE B 135 -23.71 2.25 -5.18
N ARG B 136 -22.90 3.30 -5.16
CA ARG B 136 -23.38 4.66 -5.02
C ARG B 136 -22.42 5.44 -5.87
N ILE B 137 -22.76 5.61 -7.14
CA ILE B 137 -21.87 6.34 -8.03
C ILE B 137 -22.42 7.69 -8.45
N THR B 138 -21.54 8.66 -8.59
CA THR B 138 -21.91 10.01 -9.00
C THR B 138 -21.57 10.32 -10.48
N VAL B 139 -22.59 10.58 -11.29
CA VAL B 139 -22.39 10.92 -12.71
C VAL B 139 -22.33 12.44 -12.78
N ARG B 140 -21.18 12.98 -13.17
CA ARG B 140 -20.99 14.44 -13.27
C ARG B 140 -20.97 15.02 -14.70
N ASN B 141 -20.99 16.34 -14.81
CA ASN B 141 -20.98 17.00 -16.11
C ASN B 141 -22.19 16.63 -16.95
N ILE B 142 -23.38 16.79 -16.38
CA ILE B 142 -24.64 16.50 -17.07
C ILE B 142 -25.13 17.78 -17.74
N GLU B 143 -25.11 17.79 -19.06
CA GLU B 143 -25.54 18.96 -19.85
C GLU B 143 -26.90 19.50 -19.44
N ASN B 144 -27.79 18.63 -18.99
CA ASN B 144 -29.11 19.06 -18.56
C ASN B 144 -29.05 19.79 -17.24
N SER B 145 -30.23 20.07 -16.69
CA SER B 145 -30.34 20.76 -15.41
C SER B 145 -30.82 19.81 -14.32
N PRO B 146 -30.69 20.20 -13.04
CA PRO B 146 -31.13 19.33 -11.96
C PRO B 146 -32.61 18.99 -12.03
N GLU B 147 -33.36 19.78 -12.77
CA GLU B 147 -34.77 19.54 -12.93
C GLU B 147 -34.95 18.46 -13.99
N GLU B 148 -34.54 18.76 -15.21
CA GLU B 148 -34.65 17.82 -16.31
C GLU B 148 -34.01 16.47 -15.98
N THR B 149 -32.84 16.47 -15.33
CA THR B 149 -32.17 15.23 -14.98
C THR B 149 -33.09 14.37 -14.14
N GLU B 150 -33.81 15.00 -13.22
CA GLU B 150 -34.76 14.28 -12.38
C GLU B 150 -35.72 13.48 -13.27
N ALA B 151 -36.33 14.17 -14.23
CA ALA B 151 -37.27 13.53 -15.13
C ALA B 151 -36.68 12.28 -15.76
N LEU B 152 -35.58 12.43 -16.50
CA LEU B 152 -34.94 11.30 -17.18
C LEU B 152 -34.73 10.12 -16.23
N LEU B 153 -34.04 10.37 -15.12
CA LEU B 153 -33.75 9.38 -14.09
C LEU B 153 -35.00 8.64 -13.65
N LYS B 154 -36.11 9.37 -13.54
CA LYS B 154 -37.34 8.75 -13.13
C LYS B 154 -37.90 7.95 -14.29
N LYS B 155 -37.81 8.50 -15.50
CA LYS B 155 -38.31 7.84 -16.69
C LYS B 155 -37.50 6.58 -16.94
N THR B 156 -36.18 6.70 -16.84
CA THR B 156 -35.38 5.52 -17.08
C THR B 156 -35.67 4.48 -16.01
N THR B 157 -35.59 4.89 -14.76
CA THR B 157 -35.84 3.97 -13.66
C THR B 157 -37.17 3.24 -13.71
N ASP B 158 -38.22 3.95 -14.12
CA ASP B 158 -39.56 3.37 -14.24
C ASP B 158 -39.56 2.25 -15.28
N GLU B 159 -38.95 2.49 -16.44
CA GLU B 159 -38.95 1.46 -17.45
C GLU B 159 -38.10 0.27 -17.01
N ILE B 160 -37.05 0.54 -16.23
CA ILE B 160 -36.21 -0.56 -15.75
C ILE B 160 -37.03 -1.39 -14.76
N LEU B 161 -37.69 -0.73 -13.80
CA LEU B 161 -38.52 -1.46 -12.85
C LEU B 161 -39.65 -2.25 -13.49
N ALA B 162 -40.19 -1.75 -14.59
CA ALA B 162 -41.29 -2.44 -15.24
C ALA B 162 -40.81 -3.67 -15.97
N GLN B 163 -39.61 -3.58 -16.53
CA GLN B 163 -39.06 -4.71 -17.26
C GLN B 163 -38.37 -5.69 -16.31
N GLY B 164 -38.12 -5.25 -15.09
CA GLY B 164 -37.51 -6.11 -14.10
C GLY B 164 -36.00 -6.16 -14.15
N GLY B 165 -35.38 -5.00 -14.40
CA GLY B 165 -33.93 -4.90 -14.49
C GLY B 165 -33.44 -4.43 -15.84
N VAL B 166 -32.15 -4.56 -16.09
CA VAL B 166 -31.57 -4.16 -17.35
C VAL B 166 -31.05 -5.38 -18.13
N PRO B 167 -31.12 -5.37 -19.48
CA PRO B 167 -30.61 -6.56 -20.18
C PRO B 167 -29.20 -6.91 -19.70
N ASN B 168 -29.02 -8.19 -19.36
CA ASN B 168 -27.75 -8.73 -18.84
C ASN B 168 -26.76 -9.14 -19.95
N PHE B 169 -26.26 -8.21 -20.75
CA PHE B 169 -25.34 -8.67 -21.74
C PHE B 169 -23.91 -8.25 -21.48
N PHE B 170 -23.01 -8.97 -22.14
CA PHE B 170 -21.59 -8.73 -21.98
C PHE B 170 -21.12 -7.47 -22.72
N GLY B 171 -20.48 -6.56 -21.98
CA GLY B 171 -19.98 -5.32 -22.54
C GLY B 171 -18.65 -5.44 -23.26
N ILE B 172 -18.12 -4.34 -23.81
CA ILE B 172 -16.87 -4.39 -24.56
C ILE B 172 -15.73 -4.96 -23.74
N GLN B 173 -15.79 -4.74 -22.43
CA GLN B 173 -14.76 -5.23 -21.53
C GLN B 173 -14.70 -6.75 -21.54
N ARG B 174 -15.81 -7.40 -21.90
CA ARG B 174 -15.88 -8.87 -21.90
C ARG B 174 -15.33 -9.52 -23.18
N PHE B 175 -14.76 -8.70 -24.06
CA PHE B 175 -14.21 -9.19 -25.32
C PHE B 175 -12.84 -8.58 -25.50
N GLY B 176 -12.39 -7.86 -24.47
CA GLY B 176 -11.11 -7.20 -24.48
C GLY B 176 -11.27 -5.72 -24.81
N SER B 177 -11.40 -4.87 -23.79
CA SER B 177 -11.53 -3.44 -24.04
C SER B 177 -10.39 -3.01 -24.97
N VAL B 178 -9.18 -3.47 -24.64
CA VAL B 178 -7.96 -3.19 -25.40
C VAL B 178 -8.24 -3.37 -26.91
N ARG B 179 -8.83 -4.52 -27.26
CA ARG B 179 -9.21 -4.82 -28.62
C ARG B 179 -10.21 -5.98 -28.61
N PRO B 180 -11.51 -5.66 -28.83
CA PRO B 180 -12.61 -6.64 -28.86
C PRO B 180 -12.49 -7.58 -30.04
N VAL B 181 -11.62 -8.57 -29.92
CA VAL B 181 -11.40 -9.52 -30.99
C VAL B 181 -11.76 -10.94 -30.58
N THR B 182 -11.81 -11.15 -29.27
CA THR B 182 -12.11 -12.45 -28.67
C THR B 182 -13.20 -13.25 -29.34
N HIS B 183 -14.32 -12.60 -29.66
CA HIS B 183 -15.43 -13.29 -30.33
C HIS B 183 -15.06 -13.54 -31.80
N LEU B 184 -14.35 -12.60 -32.43
CA LEU B 184 -13.94 -12.76 -33.83
C LEU B 184 -13.11 -14.03 -34.04
N VAL B 185 -12.20 -14.29 -33.11
CA VAL B 185 -11.36 -15.48 -33.16
C VAL B 185 -12.22 -16.71 -32.93
N GLY B 186 -13.11 -16.61 -31.94
CA GLY B 186 -14.00 -17.73 -31.62
C GLY B 186 -14.79 -18.18 -32.82
N LYS B 187 -15.35 -17.22 -33.56
CA LYS B 187 -16.17 -17.49 -34.76
C LYS B 187 -15.42 -18.34 -35.77
N ALA B 188 -14.20 -17.91 -36.07
CA ALA B 188 -13.34 -18.59 -37.00
C ALA B 188 -13.17 -20.03 -36.50
N ILE B 189 -12.71 -20.20 -35.26
CA ILE B 189 -12.53 -21.54 -34.73
C ILE B 189 -13.79 -22.37 -34.86
N VAL B 190 -14.90 -21.84 -34.38
CA VAL B 190 -16.17 -22.55 -34.47
C VAL B 190 -16.56 -22.83 -35.91
N GLU B 191 -16.01 -22.04 -36.82
CA GLU B 191 -16.30 -22.21 -38.24
C GLU B 191 -15.40 -23.31 -38.81
N GLY B 192 -14.23 -23.47 -38.20
CA GLY B 192 -13.29 -24.48 -38.66
C GLY B 192 -12.14 -23.85 -39.39
N ASN B 193 -11.92 -22.55 -39.16
CA ASN B 193 -10.86 -21.83 -39.83
C ASN B 193 -9.79 -21.36 -38.84
N PHE B 194 -9.06 -22.32 -38.26
CA PHE B 194 -8.02 -21.95 -37.32
C PHE B 194 -7.01 -21.00 -37.91
N GLU B 195 -6.84 -21.08 -39.22
CA GLU B 195 -5.89 -20.21 -39.89
C GLU B 195 -6.31 -18.77 -39.64
N LYS B 196 -7.53 -18.44 -40.07
CA LYS B 196 -8.07 -17.10 -39.91
C LYS B 196 -8.13 -16.72 -38.44
N ALA B 197 -8.45 -17.70 -37.60
CA ALA B 197 -8.55 -17.48 -36.15
C ALA B 197 -7.26 -16.90 -35.62
N ALA B 198 -6.18 -17.67 -35.75
CA ALA B 198 -4.88 -17.24 -35.25
C ALA B 198 -4.46 -15.94 -35.88
N LEU B 199 -4.74 -15.82 -37.18
CA LEU B 199 -4.37 -14.64 -37.94
C LEU B 199 -5.03 -13.38 -37.42
N LEU B 200 -6.31 -13.50 -37.05
CA LEU B 200 -7.08 -12.41 -36.45
C LEU B 200 -6.48 -12.02 -35.10
N TYR B 201 -6.22 -13.02 -34.27
CA TYR B 201 -5.67 -12.73 -32.96
C TYR B 201 -4.27 -12.13 -33.07
N ILE B 202 -3.46 -12.63 -34.00
CA ILE B 202 -2.09 -12.13 -34.21
C ILE B 202 -2.08 -10.72 -34.83
N ALA B 203 -2.73 -10.57 -35.98
CA ALA B 203 -2.78 -9.27 -36.66
C ALA B 203 -3.72 -8.31 -35.91
N GLU B 204 -5.03 -8.52 -36.02
CA GLU B 204 -6.05 -7.68 -35.35
C GLU B 204 -5.73 -6.20 -35.15
N PRO B 205 -5.70 -5.42 -36.24
CA PRO B 205 -5.40 -3.99 -36.10
C PRO B 205 -6.67 -3.24 -35.68
N PHE B 206 -6.65 -2.70 -34.46
CA PHE B 206 -7.78 -1.95 -33.93
C PHE B 206 -7.46 -0.48 -33.72
N PRO B 207 -8.47 0.41 -33.91
CA PRO B 207 -8.38 1.86 -33.77
C PRO B 207 -7.82 2.37 -32.45
N GLU B 208 -8.34 1.85 -31.34
CA GLU B 208 -7.88 2.29 -30.04
C GLU B 208 -6.42 1.96 -29.78
N GLU B 209 -5.88 1.06 -30.58
CA GLU B 209 -4.48 0.65 -30.44
C GLU B 209 -3.54 1.69 -31.04
N PRO B 210 -2.31 1.77 -30.50
CA PRO B 210 -1.33 2.73 -31.01
C PRO B 210 -0.96 2.53 -32.49
N GLU B 211 -0.63 3.62 -33.16
CA GLU B 211 -0.24 3.57 -34.56
C GLU B 211 0.99 2.67 -34.66
N GLU B 212 1.79 2.71 -33.59
CA GLU B 212 3.01 1.93 -33.45
C GLU B 212 2.77 0.45 -33.69
N THR B 213 1.64 -0.04 -33.19
CA THR B 213 1.29 -1.44 -33.32
C THR B 213 0.22 -1.66 -34.37
N LYS B 214 -0.53 -0.62 -34.69
CA LYS B 214 -1.59 -0.70 -35.68
C LYS B 214 -1.06 -1.04 -37.07
N ASN B 215 0.15 -0.55 -37.38
CA ASN B 215 0.77 -0.82 -38.68
C ASN B 215 1.59 -2.11 -38.65
N ALA B 216 2.19 -2.39 -37.50
CA ALA B 216 2.99 -3.60 -37.30
C ALA B 216 2.12 -4.81 -37.59
N ARG B 217 0.94 -4.81 -36.99
CA ARG B 217 -0.03 -5.89 -37.17
C ARG B 217 -0.48 -5.94 -38.62
N GLN B 218 -0.76 -4.77 -39.18
CA GLN B 218 -1.23 -4.69 -40.55
C GLN B 218 -0.20 -5.22 -41.55
N PHE B 219 1.08 -4.99 -41.27
CA PHE B 219 2.16 -5.45 -42.14
C PHE B 219 2.23 -6.97 -42.21
N VAL B 220 1.68 -7.63 -41.18
CA VAL B 220 1.66 -9.08 -41.10
C VAL B 220 0.34 -9.64 -41.59
N LYS B 221 -0.72 -8.84 -41.48
CA LYS B 221 -2.04 -9.30 -41.91
C LYS B 221 -2.14 -9.49 -43.41
N ASP B 222 -1.32 -8.75 -44.16
CA ASP B 222 -1.33 -8.83 -45.63
C ASP B 222 -0.27 -9.78 -46.19
N THR B 223 0.99 -9.52 -45.81
CA THR B 223 2.10 -10.33 -46.29
C THR B 223 2.28 -11.65 -45.54
N LEU B 224 1.76 -11.71 -44.32
CA LEU B 224 1.89 -12.89 -43.46
C LEU B 224 3.37 -13.12 -43.17
N ASP B 225 4.10 -12.03 -42.95
CA ASP B 225 5.52 -12.09 -42.67
C ASP B 225 5.74 -12.27 -41.17
N PHE B 226 5.68 -13.52 -40.71
CA PHE B 226 5.87 -13.83 -39.29
C PHE B 226 7.25 -13.42 -38.80
N LYS B 227 8.23 -13.39 -39.71
CA LYS B 227 9.61 -13.04 -39.37
C LYS B 227 9.73 -11.52 -39.12
N GLU B 228 9.16 -10.73 -40.04
CA GLU B 228 9.20 -9.28 -39.91
C GLU B 228 8.43 -8.90 -38.65
N GLY B 229 7.27 -9.54 -38.46
CA GLY B 229 6.47 -9.27 -37.29
C GLY B 229 7.26 -9.50 -36.01
N LEU B 230 8.01 -10.59 -35.99
CA LEU B 230 8.85 -10.95 -34.85
C LEU B 230 9.90 -9.86 -34.65
N LYS B 231 9.95 -8.90 -35.57
CA LYS B 231 10.89 -7.79 -35.52
C LYS B 231 10.19 -6.50 -35.13
N THR B 232 9.07 -6.21 -35.78
CA THR B 232 8.32 -4.99 -35.51
C THR B 232 7.51 -5.04 -34.23
N TYR B 233 6.74 -6.11 -34.03
CA TYR B 233 5.93 -6.27 -32.82
C TYR B 233 6.72 -6.01 -31.54
N PRO B 234 6.16 -5.22 -30.61
CA PRO B 234 6.81 -4.91 -29.34
C PRO B 234 6.71 -6.14 -28.43
N LEU B 235 7.64 -6.26 -27.48
CA LEU B 235 7.63 -7.39 -26.58
C LEU B 235 6.41 -7.38 -25.66
N ARG B 236 5.61 -6.31 -25.75
CA ARG B 236 4.41 -6.15 -24.94
C ARG B 236 3.30 -7.03 -25.53
N LEU B 237 3.68 -7.91 -26.44
CA LEU B 237 2.72 -8.80 -27.10
C LEU B 237 3.25 -10.24 -27.11
N GLY B 238 3.72 -10.69 -25.96
CA GLY B 238 4.26 -12.03 -25.85
C GLY B 238 3.34 -13.08 -26.43
N HIS B 239 2.04 -12.89 -26.26
CA HIS B 239 1.07 -13.85 -26.79
C HIS B 239 1.14 -13.97 -28.30
N GLU B 240 1.10 -12.84 -28.99
CA GLU B 240 1.15 -12.85 -30.45
C GLU B 240 2.54 -13.20 -30.97
N ARG B 241 3.57 -12.74 -30.29
CA ARG B 241 4.93 -13.05 -30.70
C ARG B 241 5.22 -14.54 -30.52
N ALA B 242 4.66 -15.13 -29.48
CA ALA B 242 4.85 -16.55 -29.19
C ALA B 242 4.24 -17.45 -30.27
N ASN B 245 6.47 -17.35 -33.36
CA ASN B 245 7.70 -18.13 -33.25
C ASN B 245 7.38 -19.60 -33.43
N HIS B 246 6.15 -19.98 -33.13
CA HIS B 246 5.72 -21.36 -33.25
C HIS B 246 5.36 -21.64 -34.70
N LEU B 247 4.66 -20.69 -35.30
CA LEU B 247 4.20 -20.81 -36.68
C LEU B 247 5.39 -20.80 -37.64
N ILE B 248 6.53 -20.32 -37.15
CA ILE B 248 7.76 -20.28 -37.95
C ILE B 248 8.39 -21.66 -37.89
N ALA B 249 8.50 -22.22 -36.69
CA ALA B 249 9.09 -23.54 -36.55
C ALA B 249 8.17 -24.60 -37.14
N ASN B 250 6.86 -24.33 -37.10
CA ASN B 250 5.88 -25.28 -37.62
C ASN B 250 4.95 -24.57 -38.56
N PRO B 251 5.32 -24.49 -39.83
CA PRO B 251 4.46 -23.81 -40.81
C PRO B 251 3.08 -24.46 -40.90
N GLU B 252 2.07 -23.61 -40.86
CA GLU B 252 0.65 -23.99 -40.94
C GLU B 252 0.04 -24.68 -39.72
N ASP B 253 0.74 -24.69 -38.59
CA ASP B 253 0.21 -25.31 -37.35
C ASP B 253 -0.60 -24.25 -36.60
N TYR B 254 -1.65 -23.75 -37.24
CA TYR B 254 -2.48 -22.71 -36.62
C TYR B 254 -3.16 -23.20 -35.34
N SER B 255 -3.72 -24.41 -35.38
CA SER B 255 -4.35 -24.95 -34.19
C SER B 255 -3.35 -25.09 -33.04
N GLY B 256 -2.10 -25.38 -33.35
CA GLY B 256 -1.12 -25.53 -32.30
C GLY B 256 -0.43 -24.26 -31.83
N SER B 257 -0.60 -23.18 -32.58
CA SER B 257 0.00 -21.91 -32.21
C SER B 257 -0.71 -21.33 -31.00
N PHE B 258 -1.91 -21.84 -30.72
CA PHE B 258 -2.71 -21.38 -29.59
C PHE B 258 -2.21 -22.11 -28.34
N ARG B 259 -1.66 -23.30 -28.55
CA ARG B 259 -1.17 -24.10 -27.45
C ARG B 259 -0.12 -23.37 -26.62
N VAL B 260 0.49 -22.32 -27.18
CA VAL B 260 1.52 -21.59 -26.47
C VAL B 260 0.96 -20.62 -25.42
N LEU B 261 -0.35 -20.39 -25.46
CA LEU B 261 -1.02 -19.49 -24.53
C LEU B 261 -1.38 -20.23 -23.25
N PRO B 262 -1.54 -19.49 -22.14
CA PRO B 262 -1.88 -20.12 -20.86
C PRO B 262 -3.29 -20.71 -20.86
N GLN B 263 -3.48 -21.81 -20.12
CA GLN B 263 -4.76 -22.50 -20.03
C GLN B 263 -5.93 -21.55 -19.79
N ASN B 264 -5.62 -20.39 -19.21
CA ASN B 264 -6.62 -19.38 -18.92
C ASN B 264 -7.25 -18.88 -20.21
N LEU B 265 -6.51 -18.09 -20.99
CA LEU B 265 -7.04 -17.57 -22.24
C LEU B 265 -7.15 -18.66 -23.30
N TYR B 266 -7.65 -19.83 -22.94
CA TYR B 266 -7.78 -20.93 -23.90
C TYR B 266 -9.16 -20.95 -24.51
N ARG B 267 -10.14 -21.17 -23.66
CA ARG B 267 -11.50 -21.24 -24.11
C ARG B 267 -12.13 -19.86 -24.14
N PHE B 269 -11.83 -17.55 -26.35
CA PHE B 269 -12.26 -17.21 -27.69
C PHE B 269 -13.66 -17.78 -27.94
N VAL B 270 -13.83 -19.07 -27.70
CA VAL B 270 -15.13 -19.71 -27.93
C VAL B 270 -16.21 -19.07 -27.04
N HIS B 271 -15.92 -18.93 -25.74
CA HIS B 271 -16.85 -18.30 -24.80
C HIS B 271 -17.16 -16.88 -25.27
N GLY B 272 -16.15 -16.20 -25.80
CA GLY B 272 -16.36 -14.86 -26.31
C GLY B 272 -17.38 -14.92 -27.43
N TYR B 273 -17.24 -15.91 -28.29
CA TYR B 273 -18.18 -16.05 -29.39
C TYR B 273 -19.57 -16.26 -28.85
N GLN B 274 -19.72 -17.23 -27.95
CA GLN B 274 -21.01 -17.51 -27.33
C GLN B 274 -21.65 -16.24 -26.75
N SER B 275 -20.84 -15.39 -26.13
CA SER B 275 -21.34 -14.15 -25.55
C SER B 275 -21.88 -13.24 -26.63
N TYR B 276 -21.20 -13.25 -27.77
CA TYR B 276 -21.58 -12.44 -28.93
C TYR B 276 -22.96 -12.89 -29.37
N ILE B 277 -23.10 -14.19 -29.60
CA ILE B 277 -24.37 -14.72 -30.04
C ILE B 277 -25.48 -14.37 -29.04
N TYR B 278 -25.21 -14.61 -27.76
CA TYR B 278 -26.18 -14.31 -26.69
C TYR B 278 -26.67 -12.86 -26.70
N ASN B 279 -25.75 -11.90 -26.86
CA ASN B 279 -26.11 -10.50 -26.93
C ASN B 279 -27.05 -10.26 -28.12
N ILE B 280 -26.74 -10.90 -29.24
CA ILE B 280 -27.57 -10.76 -30.43
C ILE B 280 -28.98 -11.23 -30.07
N ILE B 281 -29.08 -12.46 -29.58
CA ILE B 281 -30.40 -12.99 -29.21
C ILE B 281 -31.16 -11.99 -28.34
N LEU B 282 -30.54 -11.56 -27.25
CA LEU B 282 -31.18 -10.59 -26.38
C LEU B 282 -31.76 -9.44 -27.19
N CYS B 283 -30.96 -8.82 -28.04
CA CYS B 283 -31.46 -7.71 -28.84
C CYS B 283 -32.66 -8.12 -29.70
N ARG B 284 -32.64 -9.34 -30.22
CA ARG B 284 -33.75 -9.81 -31.06
C ARG B 284 -35.04 -10.02 -30.26
N ARG B 285 -34.93 -10.32 -28.96
CA ARG B 285 -36.14 -10.48 -28.18
C ARG B 285 -36.69 -9.07 -27.91
N ILE B 286 -35.80 -8.15 -27.60
CA ILE B 286 -36.22 -6.80 -27.35
C ILE B 286 -36.81 -6.13 -28.59
N GLU B 287 -36.47 -6.63 -29.77
CA GLU B 287 -37.00 -6.03 -30.99
C GLU B 287 -38.32 -6.66 -31.36
N ALA B 288 -38.57 -7.87 -30.87
CA ALA B 288 -39.83 -8.52 -31.18
C ALA B 288 -40.89 -8.08 -30.18
N GLY B 289 -40.50 -7.23 -29.24
CA GLY B 289 -41.46 -6.77 -28.25
C GLY B 289 -41.59 -7.69 -27.03
N ILE B 290 -41.45 -9.00 -27.23
CA ILE B 290 -41.54 -9.93 -26.12
C ILE B 290 -40.64 -9.38 -25.00
N PRO B 291 -41.21 -9.05 -23.83
CA PRO B 291 -40.38 -8.53 -22.73
C PRO B 291 -39.45 -9.57 -22.11
N LEU B 292 -38.36 -9.10 -21.50
CA LEU B 292 -37.39 -10.00 -20.88
C LEU B 292 -37.86 -10.65 -19.58
N ASN B 293 -38.82 -10.02 -18.92
CA ASN B 293 -39.34 -10.54 -17.68
C ASN B 293 -40.68 -11.22 -17.89
N ARG B 294 -40.91 -11.73 -19.10
CA ARG B 294 -42.17 -12.41 -19.42
C ARG B 294 -41.92 -13.77 -20.08
N ALA B 295 -42.80 -14.73 -19.84
CA ALA B 295 -42.65 -16.06 -20.44
C ALA B 295 -43.65 -16.28 -21.55
N VAL B 296 -43.23 -17.02 -22.57
CA VAL B 296 -44.07 -17.37 -23.71
C VAL B 296 -43.86 -18.88 -23.91
N GLU B 297 -44.79 -19.57 -24.57
CA GLU B 297 -44.68 -21.02 -24.79
C GLU B 297 -43.28 -21.47 -25.26
N GLY B 298 -42.74 -22.47 -24.56
CA GLY B 298 -41.42 -22.96 -24.89
C GLY B 298 -40.40 -21.83 -24.77
N ASP B 299 -40.29 -21.21 -23.61
CA ASP B 299 -39.34 -20.11 -23.45
C ASP B 299 -38.08 -20.53 -22.71
N ILE B 300 -38.19 -21.57 -21.89
CA ILE B 300 -37.08 -22.09 -21.10
C ILE B 300 -36.67 -21.13 -19.99
N VAL B 301 -37.07 -21.43 -18.76
CA VAL B 301 -36.71 -20.57 -17.64
C VAL B 301 -35.86 -21.32 -16.65
N CYS B 302 -35.31 -20.59 -15.70
CA CYS B 302 -34.50 -21.21 -14.67
C CYS B 302 -35.00 -20.65 -13.38
N PHE B 303 -34.52 -21.21 -12.29
CA PHE B 303 -34.99 -20.78 -10.98
C PHE B 303 -33.87 -20.35 -10.07
N ARG B 304 -34.15 -20.28 -8.77
CA ARG B 304 -33.15 -19.92 -7.78
C ARG B 304 -32.58 -21.18 -7.15
N ASN B 305 -31.30 -21.11 -6.78
CA ASN B 305 -30.61 -22.24 -6.16
C ASN B 305 -31.01 -22.33 -4.68
N GLU B 306 -30.77 -23.48 -4.06
CA GLU B 306 -31.12 -23.68 -2.64
C GLU B 306 -30.35 -22.73 -1.72
N VAL B 307 -29.93 -21.60 -2.29
CA VAL B 307 -29.20 -20.56 -1.61
C VAL B 307 -29.89 -19.24 -1.97
N GLY B 308 -30.95 -19.35 -2.77
CA GLY B 308 -31.69 -18.16 -3.17
C GLY B 308 -30.99 -17.36 -4.26
N LEU B 309 -30.06 -18.02 -4.93
CA LEU B 309 -29.31 -17.37 -5.99
C LEU B 309 -29.78 -17.94 -7.33
N PRO B 310 -30.03 -17.08 -8.34
CA PRO B 310 -30.49 -17.58 -9.63
C PRO B 310 -29.52 -18.61 -10.22
N ASP B 311 -30.07 -19.76 -10.62
CA ASP B 311 -29.29 -20.86 -11.16
C ASP B 311 -29.69 -21.33 -12.56
N SER B 312 -28.94 -20.88 -13.57
CA SER B 312 -29.23 -21.27 -14.94
C SER B 312 -28.89 -22.74 -15.24
N SER B 313 -28.20 -23.42 -14.32
CA SER B 313 -27.84 -24.83 -14.53
C SER B 313 -29.07 -25.74 -14.50
N LYS B 314 -30.10 -25.32 -13.76
CA LYS B 314 -31.37 -26.04 -13.61
C LYS B 314 -32.42 -25.24 -14.38
N THR B 315 -33.08 -25.85 -15.35
CA THR B 315 -34.06 -25.13 -16.14
C THR B 315 -35.35 -25.90 -16.36
N GLU B 316 -36.32 -25.27 -17.00
CA GLU B 316 -37.61 -25.91 -17.28
C GLU B 316 -38.27 -25.23 -18.48
N LYS B 317 -38.56 -25.99 -19.54
CA LYS B 317 -39.19 -25.38 -20.71
C LYS B 317 -40.68 -25.18 -20.44
N VAL B 318 -41.12 -23.93 -20.47
CA VAL B 318 -42.50 -23.65 -20.18
C VAL B 318 -43.40 -24.17 -21.29
N THR B 319 -44.59 -24.61 -20.92
CA THR B 319 -45.56 -25.11 -21.89
C THR B 319 -46.84 -24.32 -21.77
N SER B 320 -47.76 -24.58 -22.69
CA SER B 320 -49.03 -23.88 -22.69
C SER B 320 -49.77 -24.01 -21.36
N GLU B 321 -49.53 -25.09 -20.62
CA GLU B 321 -50.23 -25.25 -19.37
C GLU B 321 -49.56 -24.52 -18.21
N THR B 322 -48.23 -24.51 -18.20
CA THR B 322 -47.49 -23.87 -17.12
C THR B 322 -47.14 -22.41 -17.37
N VAL B 323 -47.52 -21.89 -18.53
CA VAL B 323 -47.22 -20.50 -18.85
C VAL B 323 -47.67 -19.52 -17.76
N ASN B 324 -48.96 -19.49 -17.43
CA ASN B 324 -49.47 -18.58 -16.40
C ASN B 324 -48.74 -18.69 -15.07
N ALA B 325 -48.43 -19.92 -14.66
CA ALA B 325 -47.72 -20.17 -13.40
C ALA B 325 -46.30 -19.63 -13.50
N ASN B 327 -45.39 -17.05 -15.26
CA ASN B 327 -45.41 -15.59 -15.25
C ASN B 327 -45.55 -15.12 -13.82
N ARG B 328 -46.32 -15.89 -13.05
CA ARG B 328 -46.51 -15.56 -11.66
C ARG B 328 -45.14 -15.58 -10.97
N LEU B 329 -44.37 -16.64 -11.19
CA LEU B 329 -43.06 -16.73 -10.59
C LEU B 329 -42.19 -15.55 -11.02
N LEU B 330 -42.24 -15.22 -12.31
CA LEU B 330 -41.44 -14.13 -12.84
C LEU B 330 -41.74 -12.80 -12.18
N LYS B 331 -43.01 -12.50 -11.94
CA LYS B 331 -43.34 -11.23 -11.30
C LYS B 331 -42.92 -11.25 -9.83
N LEU B 332 -42.94 -12.42 -9.20
CA LEU B 332 -42.53 -12.51 -7.80
C LEU B 332 -41.02 -12.60 -7.61
N GLY B 333 -40.27 -12.60 -8.72
CA GLY B 333 -38.83 -12.67 -8.63
C GLY B 333 -38.30 -14.05 -8.32
N ARG B 334 -39.12 -15.08 -8.53
CA ARG B 334 -38.76 -16.47 -8.26
C ARG B 334 -38.32 -17.30 -9.48
N ALA B 335 -38.50 -16.75 -10.68
CA ALA B 335 -38.08 -17.41 -11.93
C ALA B 335 -37.50 -16.37 -12.89
N PHE B 336 -36.65 -16.81 -13.82
CA PHE B 336 -36.02 -15.92 -14.79
C PHE B 336 -36.00 -16.51 -16.17
N ILE B 337 -36.18 -15.65 -17.18
CA ILE B 337 -36.15 -16.07 -18.57
C ILE B 337 -34.67 -16.21 -18.93
N THR B 338 -34.31 -17.30 -19.63
CA THR B 338 -32.91 -17.52 -20.05
C THR B 338 -32.71 -17.40 -21.57
N ALA B 339 -31.46 -17.16 -21.99
CA ALA B 339 -31.10 -17.08 -23.41
C ALA B 339 -29.94 -18.09 -23.50
N PRO B 340 -29.73 -18.71 -24.69
CA PRO B 340 -28.64 -19.69 -24.85
C PRO B 340 -27.26 -19.12 -25.05
N LEU B 341 -26.28 -19.91 -24.67
CA LEU B 341 -24.88 -19.55 -24.84
C LEU B 341 -24.41 -20.77 -25.62
N PRO B 342 -24.82 -20.85 -26.90
CA PRO B 342 -24.58 -21.88 -27.93
C PRO B 342 -23.35 -22.81 -27.89
N GLY B 343 -23.65 -24.11 -27.91
CA GLY B 343 -22.63 -25.14 -27.92
C GLY B 343 -23.07 -26.25 -28.87
N TYR B 344 -22.55 -27.46 -28.67
CA TYR B 344 -22.93 -28.59 -29.52
C TYR B 344 -24.10 -29.38 -28.93
N ASN B 345 -24.31 -29.24 -27.63
CA ASN B 345 -25.39 -29.96 -26.99
C ASN B 345 -26.13 -29.00 -26.09
N THR B 346 -26.71 -27.97 -26.70
CA THR B 346 -27.44 -26.96 -25.94
C THR B 346 -28.93 -26.96 -26.16
N GLU B 347 -29.68 -26.85 -25.08
CA GLU B 347 -31.14 -26.85 -25.20
C GLU B 347 -31.67 -25.55 -25.78
N PHE B 348 -32.58 -25.67 -26.73
CA PHE B 348 -33.13 -24.48 -27.34
C PHE B 348 -34.62 -24.33 -27.05
N ALA B 349 -35.13 -23.12 -27.20
CA ALA B 349 -36.54 -22.86 -26.94
C ALA B 349 -37.42 -23.21 -28.15
N SER B 350 -38.72 -23.37 -27.88
CA SER B 350 -39.72 -23.66 -28.91
C SER B 350 -40.53 -22.38 -29.12
N GLY B 351 -41.57 -22.48 -29.94
CA GLY B 351 -42.43 -21.34 -30.23
C GLY B 351 -41.71 -20.09 -30.66
N ILE B 352 -42.35 -18.95 -30.40
CA ILE B 352 -41.81 -17.64 -30.73
C ILE B 352 -40.35 -17.49 -30.26
N PRO B 353 -40.06 -17.82 -28.98
CA PRO B 353 -38.67 -17.70 -28.51
C PRO B 353 -37.71 -18.62 -29.25
N GLY B 354 -38.20 -19.80 -29.61
CA GLY B 354 -37.36 -20.74 -30.33
C GLY B 354 -37.01 -20.13 -31.69
N GLU B 355 -37.95 -19.40 -32.27
CA GLU B 355 -37.63 -18.79 -33.53
C GLU B 355 -36.57 -17.73 -33.39
N ILE B 356 -36.66 -16.92 -32.33
CA ILE B 356 -35.68 -15.86 -32.13
C ILE B 356 -34.28 -16.45 -31.91
N GLU B 357 -34.21 -17.58 -31.24
CA GLU B 357 -32.92 -18.23 -30.99
C GLU B 357 -32.33 -18.80 -32.28
N ASN B 358 -33.11 -19.60 -33.00
CA ASN B 358 -32.64 -20.18 -34.25
C ASN B 358 -32.37 -19.06 -35.28
N GLY B 359 -33.23 -18.05 -35.28
CA GLY B 359 -33.06 -16.96 -36.22
C GLY B 359 -31.72 -16.29 -36.18
N VAL B 360 -31.12 -16.22 -35.01
CA VAL B 360 -29.82 -15.58 -34.86
C VAL B 360 -28.76 -16.59 -35.29
N LEU B 361 -29.06 -17.87 -35.09
CA LEU B 361 -28.14 -18.94 -35.49
C LEU B 361 -28.03 -18.98 -37.02
N LYS B 362 -29.11 -18.64 -37.71
CA LYS B 362 -29.11 -18.61 -39.16
C LYS B 362 -28.62 -17.25 -39.67
N GLU B 363 -28.96 -16.18 -38.95
CA GLU B 363 -28.52 -14.85 -39.30
C GLU B 363 -27.00 -14.83 -39.38
N LEU B 364 -26.35 -15.77 -38.71
CA LEU B 364 -24.88 -15.84 -38.71
C LEU B 364 -24.39 -17.13 -39.35
N GLY B 365 -25.30 -18.06 -39.58
CA GLY B 365 -24.94 -19.33 -40.18
C GLY B 365 -24.09 -20.17 -39.24
N VAL B 366 -24.42 -20.13 -37.96
CA VAL B 366 -23.68 -20.88 -36.96
C VAL B 366 -23.87 -22.40 -37.14
N SER B 367 -22.82 -23.15 -36.84
CA SER B 367 -22.90 -24.60 -36.95
C SER B 367 -22.64 -25.20 -35.57
N LEU B 368 -23.71 -25.68 -34.96
CA LEU B 368 -23.67 -26.26 -33.63
C LEU B 368 -22.56 -27.32 -33.46
N GLU B 369 -22.21 -28.01 -34.53
CA GLU B 369 -21.15 -29.04 -34.42
C GLU B 369 -19.78 -28.41 -34.27
N GLY B 370 -19.64 -27.18 -34.76
CA GLY B 370 -18.37 -26.47 -34.68
C GLY B 370 -17.90 -26.15 -33.28
N PHE B 371 -18.79 -26.24 -32.30
CA PHE B 371 -18.38 -25.94 -30.94
C PHE B 371 -17.72 -27.16 -30.35
N ASN B 372 -17.62 -28.19 -31.19
CA ASN B 372 -16.97 -29.42 -30.80
C ASN B 372 -15.62 -29.50 -31.54
N ILE B 373 -14.67 -28.66 -31.15
CA ILE B 373 -13.34 -28.60 -31.79
C ILE B 373 -12.46 -29.84 -31.68
N GLU B 374 -12.16 -30.49 -32.81
CA GLU B 374 -11.31 -31.68 -32.83
C GLU B 374 -9.83 -31.35 -32.79
N LYS B 375 -9.46 -30.30 -33.48
CA LYS B 375 -8.08 -29.87 -33.52
C LYS B 375 -7.66 -29.33 -32.16
N PHE B 376 -8.61 -28.81 -31.40
CA PHE B 376 -8.31 -28.28 -30.06
C PHE B 376 -9.51 -28.58 -29.16
N PRO B 377 -9.65 -29.85 -28.71
CA PRO B 377 -10.75 -30.29 -27.85
C PRO B 377 -10.88 -29.50 -26.55
N GLU B 378 -9.75 -29.02 -26.03
CA GLU B 378 -9.78 -28.25 -24.81
C GLU B 378 -10.50 -26.91 -24.98
N SER B 380 -13.58 -27.07 -26.81
CA SER B 380 -14.95 -27.46 -27.05
C SER B 380 -15.84 -27.11 -25.85
N SER B 381 -16.94 -26.43 -26.16
CA SER B 381 -17.93 -26.00 -25.17
C SER B 381 -19.30 -26.61 -25.48
N LYS B 382 -19.87 -27.29 -24.50
CA LYS B 382 -21.18 -27.93 -24.66
C LYS B 382 -22.26 -26.88 -24.84
N GLY B 383 -22.12 -25.78 -24.12
CA GLY B 383 -23.09 -24.70 -24.18
C GLY B 383 -24.03 -24.78 -23.00
N THR B 384 -24.62 -23.65 -22.65
CA THR B 384 -25.58 -23.59 -21.54
C THR B 384 -26.53 -22.45 -21.76
N ARG B 385 -27.37 -22.22 -20.76
CA ARG B 385 -28.35 -21.15 -20.77
C ARG B 385 -27.86 -20.11 -19.77
N ARG B 386 -28.42 -18.92 -19.83
CA ARG B 386 -28.08 -17.82 -18.92
C ARG B 386 -29.26 -16.87 -18.82
N GLU B 387 -29.50 -16.36 -17.61
CA GLU B 387 -30.61 -15.44 -17.36
C GLU B 387 -30.42 -14.25 -18.25
N VAL B 388 -31.53 -13.78 -18.79
CA VAL B 388 -31.53 -12.67 -19.74
C VAL B 388 -31.55 -11.27 -19.11
N LEU B 389 -31.89 -11.20 -17.82
CA LEU B 389 -31.96 -9.93 -17.09
C LEU B 389 -31.05 -9.81 -15.88
N LEU B 390 -30.67 -8.58 -15.60
CA LEU B 390 -29.87 -8.28 -14.41
C LEU B 390 -30.83 -7.43 -13.58
N GLU B 391 -31.40 -8.07 -12.55
CA GLU B 391 -32.36 -7.46 -11.65
C GLU B 391 -31.77 -6.34 -10.81
N VAL B 392 -32.33 -5.14 -10.95
CA VAL B 392 -31.88 -4.01 -10.18
C VAL B 392 -33.03 -3.06 -9.91
N LYS B 393 -32.96 -2.36 -8.79
CA LYS B 393 -33.97 -1.39 -8.36
C LYS B 393 -33.22 -0.17 -7.84
N PRO B 394 -32.70 0.68 -8.75
CA PRO B 394 -31.95 1.87 -8.35
C PRO B 394 -32.79 3.01 -7.78
N LYS B 395 -32.14 3.89 -7.05
CA LYS B 395 -32.80 5.04 -6.47
C LYS B 395 -31.92 6.21 -6.85
N PHE B 396 -32.42 7.04 -7.76
CA PHE B 396 -31.66 8.17 -8.24
C PHE B 396 -31.61 9.35 -7.29
N GLU B 397 -30.86 10.38 -7.67
CA GLU B 397 -30.71 11.57 -6.87
C GLU B 397 -30.16 12.66 -7.81
N ALA B 398 -30.98 13.67 -8.10
CA ALA B 398 -30.54 14.73 -8.99
C ALA B 398 -30.11 15.97 -8.22
N GLY B 399 -29.26 16.77 -8.85
CA GLY B 399 -28.77 17.98 -8.22
C GLY B 399 -27.76 18.71 -9.09
N GLU B 400 -27.24 19.80 -8.58
CA GLU B 400 -26.25 20.59 -9.30
C GLU B 400 -24.87 20.16 -8.79
N ASP B 401 -23.99 19.77 -9.69
CA ASP B 401 -22.69 19.33 -9.22
C ASP B 401 -21.78 20.51 -8.89
N GLU B 402 -21.32 20.51 -7.65
CA GLU B 402 -20.45 21.55 -7.14
C GLU B 402 -19.08 21.52 -7.81
N LEU B 403 -18.84 20.53 -8.66
CA LEU B 403 -17.56 20.42 -9.35
C LEU B 403 -17.55 21.23 -10.64
N ASN B 404 -18.32 20.78 -11.62
CA ASN B 404 -18.37 21.46 -12.90
C ASN B 404 -19.51 22.47 -12.90
N PRO B 405 -19.16 23.76 -12.84
CA PRO B 405 -20.18 24.80 -12.84
C PRO B 405 -20.98 24.85 -14.14
N GLY B 406 -22.29 25.08 -14.01
CA GLY B 406 -23.12 25.14 -15.19
C GLY B 406 -23.92 23.87 -15.40
N LYS B 407 -23.27 22.72 -15.30
CA LYS B 407 -23.94 21.44 -15.48
C LYS B 407 -24.51 20.95 -14.16
N SER B 408 -25.03 19.72 -14.15
CA SER B 408 -25.59 19.15 -12.93
C SER B 408 -25.00 17.76 -12.76
N LYS B 409 -25.34 17.07 -11.67
CA LYS B 409 -24.80 15.74 -11.44
C LYS B 409 -25.91 14.74 -11.25
N ALA B 410 -25.56 13.48 -11.10
CA ALA B 410 -26.56 12.44 -10.88
C ALA B 410 -26.00 11.35 -9.97
N VAL B 411 -26.63 11.14 -8.83
CA VAL B 411 -26.18 10.10 -7.92
C VAL B 411 -27.11 8.90 -8.05
N LEU B 412 -26.54 7.73 -8.37
CA LEU B 412 -27.32 6.48 -8.50
C LEU B 412 -26.89 5.43 -7.49
N GLU B 413 -27.84 4.73 -6.88
CA GLU B 413 -27.50 3.69 -5.92
C GLU B 413 -28.23 2.42 -6.31
N PHE B 414 -27.58 1.28 -6.13
CA PHE B 414 -28.18 -0.02 -6.45
C PHE B 414 -27.17 -1.09 -6.08
N LEU B 416 -25.43 -5.01 -6.75
CA LEU B 416 -25.23 -6.03 -7.79
C LEU B 416 -24.56 -7.26 -7.25
N PRO B 417 -25.02 -8.44 -7.68
CA PRO B 417 -24.41 -9.66 -7.17
C PRO B 417 -23.06 -9.89 -7.80
N LYS B 418 -22.16 -10.53 -7.05
CA LYS B 418 -20.82 -10.81 -7.55
C LYS B 418 -20.93 -11.39 -8.97
N GLY B 419 -19.97 -11.03 -9.81
CA GLY B 419 -19.96 -11.49 -11.19
C GLY B 419 -20.65 -10.53 -12.15
N SER B 420 -21.38 -9.55 -11.65
CA SER B 420 -22.05 -8.61 -12.54
C SER B 420 -21.29 -7.29 -12.54
N TYR B 421 -21.53 -6.43 -13.52
CA TYR B 421 -20.80 -5.15 -13.56
C TYR B 421 -21.71 -3.92 -13.58
N ALA B 422 -21.17 -2.82 -13.05
CA ALA B 422 -21.92 -1.57 -12.99
C ALA B 422 -22.24 -1.00 -14.36
N THR B 423 -21.29 -1.13 -15.29
CA THR B 423 -21.47 -0.64 -16.65
C THR B 423 -22.78 -1.17 -17.26
N THR B 424 -23.15 -2.39 -16.90
CA THR B 424 -24.37 -2.98 -17.42
C THR B 424 -25.61 -2.19 -17.04
N VAL B 425 -25.58 -1.58 -15.86
CA VAL B 425 -26.71 -0.80 -15.41
C VAL B 425 -26.55 0.62 -15.93
N LEU B 426 -25.34 1.17 -15.78
CA LEU B 426 -25.05 2.52 -16.25
C LEU B 426 -25.35 2.78 -17.72
N ARG B 427 -25.17 1.76 -18.54
CA ARG B 427 -25.41 1.91 -19.96
C ARG B 427 -26.76 2.57 -20.25
N GLU B 428 -27.83 1.96 -19.75
CA GLU B 428 -29.19 2.44 -19.93
C GLU B 428 -29.46 3.86 -19.46
N TYR B 429 -28.66 4.34 -18.52
CA TYR B 429 -28.81 5.68 -17.99
C TYR B 429 -27.97 6.68 -18.76
N LYS B 431 -26.09 5.93 -21.70
CA LYS B 431 -26.19 5.67 -23.13
C LYS B 431 -25.07 6.35 -23.92
N VAL B 432 -23.81 6.05 -23.60
CA VAL B 432 -22.66 6.64 -24.28
C VAL B 432 -21.70 5.55 -24.75
N ASN B 433 -20.60 5.96 -25.38
CA ASN B 433 -19.63 4.98 -25.84
C ASN B 433 -19.05 4.31 -24.59
N PRO B 434 -19.11 2.97 -24.51
CA PRO B 434 -18.58 2.24 -23.35
C PRO B 434 -17.17 2.64 -22.92
N LEU B 435 -16.34 3.02 -23.88
CA LEU B 435 -14.97 3.41 -23.55
C LEU B 435 -14.94 4.66 -22.68
N GLN B 436 -16.01 5.44 -22.69
CA GLN B 436 -16.07 6.66 -21.88
C GLN B 436 -16.58 6.37 -20.48
#